data_2KDS
#
_entry.id   2KDS
#
_entity_poly.entity_id   1
_entity_poly.type   'polypeptide(L)'
_entity_poly.pdbx_seq_one_letter_code
;PAIEVGRICVKVKGREAGSKCVIVDIIDDNFVLVTGPKDITGVKRRRVNILHLEPTDKKIDIQKGASDEEVKKKLEESNL
TEYMKEKIKIRMPTL
;
_entity_poly.pdbx_strand_id   A
#
# COMPACT_ATOMS: atom_id res chain seq x y z
N PRO A 1 -4.16 -14.17 0.86
CA PRO A 1 -2.96 -13.56 0.18
C PRO A 1 -1.82 -13.36 1.17
N ALA A 2 -2.14 -13.26 2.43
CA ALA A 2 -1.12 -13.01 3.49
C ALA A 2 -0.11 -14.16 3.55
N ILE A 3 -0.37 -15.25 2.88
CA ILE A 3 0.66 -16.33 2.88
C ILE A 3 1.89 -15.80 2.14
N GLU A 4 1.65 -15.08 1.08
CA GLU A 4 2.76 -14.48 0.27
C GLU A 4 2.56 -12.97 0.08
N VAL A 5 3.63 -12.22 -0.06
CA VAL A 5 3.51 -10.75 -0.28
C VAL A 5 2.99 -10.49 -1.70
N GLY A 6 3.29 -9.35 -2.28
CA GLY A 6 2.83 -9.09 -3.67
C GLY A 6 1.37 -8.64 -3.69
N ARG A 7 0.98 -7.87 -2.74
CA ARG A 7 -0.45 -7.48 -2.65
C ARG A 7 -0.53 -6.06 -2.08
N ILE A 8 -1.73 -5.57 -1.89
CA ILE A 8 -1.90 -4.18 -1.40
C ILE A 8 -2.37 -4.14 0.05
N CYS A 9 -1.83 -3.16 0.76
CA CYS A 9 -2.09 -3.01 2.21
C CYS A 9 -2.89 -1.74 2.56
N VAL A 10 -3.56 -1.80 3.68
CA VAL A 10 -4.35 -0.63 4.21
C VAL A 10 -3.88 -0.34 5.65
N LYS A 11 -3.72 0.89 6.09
CA LYS A 11 -3.23 1.09 7.49
C LYS A 11 -4.39 1.08 8.47
N VAL A 12 -4.34 0.26 9.50
CA VAL A 12 -5.47 0.26 10.49
C VAL A 12 -4.99 0.65 11.87
N LYS A 13 -5.64 1.62 12.42
CA LYS A 13 -5.32 2.08 13.78
C LYS A 13 -6.43 3.07 14.15
N GLY A 14 -6.52 3.52 15.35
CA GLY A 14 -7.60 4.50 15.66
C GLY A 14 -7.10 5.90 15.30
N ARG A 15 -7.91 6.90 15.46
CA ARG A 15 -7.52 8.30 15.12
C ARG A 15 -6.68 8.34 13.82
N GLU A 16 -7.32 8.69 12.73
CA GLU A 16 -6.65 8.83 11.40
C GLU A 16 -5.51 7.84 11.19
N ALA A 17 -5.71 6.88 10.32
CA ALA A 17 -4.65 5.89 10.04
C ALA A 17 -5.05 5.00 8.88
N GLY A 18 -6.02 5.40 8.09
CA GLY A 18 -6.43 4.58 6.92
C GLY A 18 -5.70 5.13 5.70
N SER A 19 -4.78 4.38 5.18
CA SER A 19 -4.10 4.81 3.93
C SER A 19 -3.86 3.56 3.09
N LYS A 20 -4.05 3.61 1.80
CA LYS A 20 -3.84 2.37 1.00
C LYS A 20 -2.42 2.35 0.44
N CYS A 21 -1.79 1.22 0.46
CA CYS A 21 -0.41 1.14 -0.07
C CYS A 21 -0.17 -0.16 -0.81
N VAL A 22 0.81 -0.18 -1.68
CA VAL A 22 1.14 -1.44 -2.39
C VAL A 22 2.42 -1.97 -1.73
N ILE A 23 2.48 -3.25 -1.43
CA ILE A 23 3.70 -3.78 -0.73
C ILE A 23 4.66 -4.40 -1.74
N VAL A 24 5.94 -4.09 -1.65
CA VAL A 24 6.88 -4.77 -2.58
C VAL A 24 8.29 -4.92 -2.03
N ASP A 25 8.50 -5.75 -1.03
CA ASP A 25 9.90 -6.05 -0.58
C ASP A 25 9.87 -6.85 0.70
N ILE A 26 10.88 -7.65 0.93
CA ILE A 26 11.04 -8.33 2.25
C ILE A 26 12.34 -7.75 2.78
N ILE A 27 12.39 -7.23 3.98
CA ILE A 27 13.66 -6.58 4.44
C ILE A 27 14.46 -7.52 5.35
N ASP A 28 14.56 -7.17 6.61
CA ASP A 28 15.30 -8.02 7.58
C ASP A 28 14.62 -9.38 7.69
N ASP A 29 13.31 -9.36 7.73
CA ASP A 29 12.43 -10.59 7.81
C ASP A 29 11.00 -10.16 8.22
N ASN A 30 10.86 -9.37 9.27
CA ASN A 30 9.51 -8.93 9.72
C ASN A 30 9.13 -7.56 9.14
N PHE A 31 9.93 -6.99 8.28
CA PHE A 31 9.59 -5.66 7.70
C PHE A 31 9.40 -5.76 6.18
N VAL A 32 8.52 -4.96 5.64
CA VAL A 32 8.22 -4.98 4.17
C VAL A 32 8.29 -3.56 3.61
N LEU A 33 8.42 -3.41 2.31
CA LEU A 33 8.44 -2.03 1.71
C LEU A 33 7.04 -1.71 1.20
N VAL A 34 6.52 -0.54 1.52
CA VAL A 34 5.15 -0.18 1.03
C VAL A 34 5.16 1.18 0.33
N THR A 35 4.27 1.37 -0.62
CA THR A 35 4.22 2.67 -1.35
C THR A 35 2.79 3.09 -1.70
N GLY A 36 2.56 4.37 -1.87
CA GLY A 36 1.21 4.86 -2.24
C GLY A 36 1.38 6.18 -3.01
N PRO A 37 0.35 6.69 -3.63
CA PRO A 37 0.46 7.97 -4.38
C PRO A 37 0.63 9.12 -3.38
N LYS A 38 1.78 9.72 -3.32
CA LYS A 38 1.99 10.81 -2.33
C LYS A 38 0.98 11.96 -2.56
N ASP A 39 0.71 12.27 -3.79
CA ASP A 39 -0.22 13.40 -4.07
C ASP A 39 -1.64 13.14 -3.55
N ILE A 40 -2.13 11.93 -3.68
CA ILE A 40 -3.52 11.64 -3.25
C ILE A 40 -3.60 11.04 -1.85
N THR A 41 -3.31 9.77 -1.70
CA THR A 41 -3.41 9.12 -0.37
C THR A 41 -2.44 9.79 0.59
N GLY A 42 -1.30 10.20 0.11
CA GLY A 42 -0.29 10.88 0.99
C GLY A 42 0.84 9.94 1.37
N VAL A 43 0.75 8.66 1.12
CA VAL A 43 1.90 7.77 1.48
C VAL A 43 2.83 7.68 0.26
N LYS A 44 4.11 7.92 0.43
CA LYS A 44 5.04 7.82 -0.75
C LYS A 44 5.70 6.45 -0.80
N ARG A 45 6.65 6.25 0.06
CA ARG A 45 7.36 4.96 0.17
C ARG A 45 7.77 4.80 1.62
N ARG A 46 7.44 3.73 2.27
CA ARG A 46 7.89 3.60 3.66
C ARG A 46 7.89 2.12 4.06
N ARG A 47 8.54 1.78 5.14
CA ARG A 47 8.61 0.35 5.56
C ARG A 47 7.69 0.13 6.76
N VAL A 48 7.00 -0.99 6.81
CA VAL A 48 6.09 -1.28 7.95
C VAL A 48 6.30 -2.71 8.46
N ASN A 49 6.20 -2.91 9.75
CA ASN A 49 6.38 -4.27 10.35
C ASN A 49 5.11 -5.11 10.23
N ILE A 50 5.26 -6.41 10.22
CA ILE A 50 4.10 -7.36 10.14
C ILE A 50 3.14 -7.10 11.31
N LEU A 51 3.64 -6.55 12.38
CA LEU A 51 2.79 -6.30 13.58
C LEU A 51 1.55 -5.51 13.17
N HIS A 52 1.66 -4.70 12.14
CA HIS A 52 0.43 -4.02 11.64
C HIS A 52 0.22 -4.50 10.20
N LEU A 53 -0.54 -5.56 10.04
CA LEU A 53 -0.79 -6.12 8.69
C LEU A 53 -2.26 -5.95 8.29
N GLU A 54 -2.53 -5.43 7.12
CA GLU A 54 -3.95 -5.35 6.63
C GLU A 54 -3.94 -5.75 5.16
N PRO A 55 -4.12 -7.00 4.85
CA PRO A 55 -4.06 -7.47 3.44
C PRO A 55 -5.41 -7.45 2.73
N THR A 56 -5.39 -7.21 1.44
CA THR A 56 -6.67 -7.22 0.64
C THR A 56 -6.55 -8.29 -0.44
N ASP A 57 -7.64 -8.71 -1.05
CA ASP A 57 -7.51 -9.75 -2.12
C ASP A 57 -6.96 -9.03 -3.34
N LYS A 58 -5.87 -9.53 -3.88
CA LYS A 58 -5.24 -8.93 -5.08
C LYS A 58 -4.27 -9.89 -5.79
N LYS A 59 -3.61 -9.34 -6.77
CA LYS A 59 -2.64 -10.04 -7.64
C LYS A 59 -1.27 -10.15 -6.97
N ILE A 60 -0.55 -11.19 -7.31
CA ILE A 60 0.84 -11.36 -6.76
C ILE A 60 1.87 -11.40 -7.90
N ASP A 61 2.80 -10.47 -7.87
CA ASP A 61 3.93 -10.47 -8.86
C ASP A 61 4.90 -9.30 -8.63
N ILE A 62 5.94 -9.35 -7.80
CA ILE A 62 6.83 -8.15 -7.68
C ILE A 62 8.20 -8.53 -8.19
N GLN A 63 8.88 -7.71 -8.93
CA GLN A 63 10.22 -8.18 -9.34
C GLN A 63 11.01 -8.40 -8.03
N LYS A 64 10.88 -7.49 -7.05
CA LYS A 64 11.60 -7.59 -5.73
C LYS A 64 12.60 -6.43 -5.64
N GLY A 65 12.37 -5.42 -4.81
CA GLY A 65 13.38 -4.31 -4.73
C GLY A 65 13.16 -3.27 -5.85
N ALA A 66 11.99 -3.20 -6.44
CA ALA A 66 11.81 -2.20 -7.55
C ALA A 66 12.22 -0.76 -7.13
N SER A 67 12.80 -0.01 -8.06
CA SER A 67 13.22 1.43 -7.80
C SER A 67 11.96 2.27 -7.64
N ASP A 68 12.02 3.50 -7.15
CA ASP A 68 10.74 4.24 -7.03
C ASP A 68 10.05 4.42 -8.38
N GLU A 69 10.73 4.82 -9.42
CA GLU A 69 9.99 5.00 -10.68
C GLU A 69 9.42 3.66 -11.10
N GLU A 70 10.20 2.64 -10.94
CA GLU A 70 9.71 1.30 -11.28
C GLU A 70 8.57 0.95 -10.33
N VAL A 71 8.66 1.39 -9.10
CA VAL A 71 7.55 1.11 -8.15
C VAL A 71 6.29 1.86 -8.59
N LYS A 72 6.43 3.09 -9.01
CA LYS A 72 5.22 3.85 -9.43
C LYS A 72 4.54 3.15 -10.60
N LYS A 73 5.29 2.68 -11.56
CA LYS A 73 4.66 2.00 -12.73
C LYS A 73 3.87 0.79 -12.22
N LYS A 74 4.40 0.12 -11.25
CA LYS A 74 3.71 -1.05 -10.66
C LYS A 74 2.37 -0.63 -10.08
N LEU A 75 2.26 0.57 -9.57
CA LEU A 75 0.95 1.01 -9.00
C LEU A 75 -0.12 0.90 -10.08
N GLU A 76 0.22 1.20 -11.29
CA GLU A 76 -0.79 1.10 -12.36
C GLU A 76 -1.30 -0.33 -12.40
N GLU A 77 -0.47 -1.29 -12.11
CA GLU A 77 -0.98 -2.69 -12.10
C GLU A 77 -2.08 -2.69 -11.04
N SER A 78 -1.88 -1.94 -9.99
CA SER A 78 -2.90 -1.83 -8.93
C SER A 78 -4.12 -1.05 -9.45
N ASN A 79 -3.94 -0.25 -10.50
CA ASN A 79 -5.05 0.57 -11.12
C ASN A 79 -5.57 1.66 -10.17
N LEU A 80 -4.66 2.37 -9.59
CA LEU A 80 -5.01 3.49 -8.66
C LEU A 80 -5.72 4.63 -9.37
N THR A 81 -5.49 4.82 -10.63
CA THR A 81 -6.06 5.98 -11.36
C THR A 81 -7.52 6.22 -10.97
N GLU A 82 -8.27 5.21 -10.68
CA GLU A 82 -9.68 5.50 -10.29
C GLU A 82 -10.27 4.35 -9.49
N TYR A 83 -9.72 3.17 -9.57
CA TYR A 83 -10.31 2.08 -8.76
C TYR A 83 -10.20 2.48 -7.30
N MET A 84 -9.06 3.02 -7.00
CA MET A 84 -8.75 3.40 -5.59
C MET A 84 -9.06 4.86 -5.26
N LYS A 85 -8.07 5.56 -4.76
CA LYS A 85 -8.25 6.97 -4.35
C LYS A 85 -9.44 7.03 -3.41
N GLU A 86 -9.64 5.98 -2.67
CA GLU A 86 -10.83 5.85 -1.78
C GLU A 86 -10.95 6.87 -0.65
N LYS A 87 -9.90 7.45 -0.10
CA LYS A 87 -10.19 8.35 1.05
C LYS A 87 -10.83 7.41 2.06
N ILE A 88 -10.01 6.60 2.69
CA ILE A 88 -10.55 5.56 3.60
C ILE A 88 -11.37 6.18 4.71
N LYS A 89 -11.00 7.31 5.26
CA LYS A 89 -11.84 7.95 6.30
C LYS A 89 -12.33 9.30 5.76
N ILE A 90 -13.57 9.65 6.00
CA ILE A 90 -14.09 10.91 5.45
C ILE A 90 -13.28 12.04 6.03
N ARG A 91 -12.85 11.86 7.22
CA ARG A 91 -12.01 12.90 7.85
C ARG A 91 -10.56 12.67 7.39
N MET A 92 -9.89 13.70 6.94
CA MET A 92 -8.46 13.48 6.53
C MET A 92 -7.74 14.81 6.20
N PRO A 93 -8.23 15.60 5.25
CA PRO A 93 -7.53 16.85 4.83
C PRO A 93 -7.91 18.12 5.63
N THR A 94 -9.12 18.58 5.49
CA THR A 94 -9.53 19.83 6.23
C THR A 94 -10.20 19.46 7.54
N LEU A 95 -10.40 18.20 7.77
CA LEU A 95 -11.07 17.75 9.03
C LEU A 95 -10.14 16.83 9.81
N PRO A 1 -4.71 -15.86 6.47
CA PRO A 1 -3.87 -15.83 5.24
C PRO A 1 -2.38 -15.58 5.53
N ALA A 2 -1.53 -16.16 4.74
CA ALA A 2 -0.06 -15.98 4.95
C ALA A 2 0.65 -16.09 3.59
N ILE A 3 0.44 -15.09 2.79
CA ILE A 3 1.02 -15.03 1.42
C ILE A 3 2.05 -13.88 1.35
N GLU A 4 3.08 -14.03 0.57
CA GLU A 4 4.13 -12.98 0.43
C GLU A 4 3.51 -11.72 -0.19
N VAL A 5 4.12 -10.58 0.07
CA VAL A 5 3.62 -9.26 -0.42
C VAL A 5 3.16 -9.30 -1.88
N GLY A 6 3.28 -8.21 -2.59
CA GLY A 6 2.81 -8.21 -3.99
C GLY A 6 1.30 -8.04 -3.94
N ARG A 7 0.81 -7.50 -2.85
CA ARG A 7 -0.64 -7.36 -2.62
C ARG A 7 -0.93 -5.90 -2.23
N ILE A 8 -2.18 -5.51 -2.17
CA ILE A 8 -2.49 -4.11 -1.73
C ILE A 8 -2.77 -4.11 -0.25
N CYS A 9 -2.37 -3.04 0.39
CA CYS A 9 -2.53 -2.94 1.87
C CYS A 9 -3.35 -1.72 2.30
N VAL A 10 -3.93 -1.81 3.47
CA VAL A 10 -4.80 -0.69 4.02
C VAL A 10 -4.33 -0.30 5.44
N LYS A 11 -4.28 0.94 5.83
CA LYS A 11 -3.71 1.24 7.18
C LYS A 11 -4.75 1.01 8.29
N VAL A 12 -4.37 0.40 9.41
CA VAL A 12 -5.35 0.22 10.52
C VAL A 12 -4.83 0.95 11.78
N LYS A 13 -5.37 2.10 12.00
CA LYS A 13 -5.06 2.92 13.22
C LYS A 13 -6.25 3.86 13.41
N GLY A 14 -6.37 4.55 14.49
CA GLY A 14 -7.56 5.43 14.61
C GLY A 14 -7.25 6.73 13.87
N ARG A 15 -8.16 7.64 13.82
CA ARG A 15 -7.92 8.92 13.08
C ARG A 15 -7.38 8.64 11.65
N GLU A 16 -8.21 8.82 10.66
CA GLU A 16 -7.81 8.61 9.23
C GLU A 16 -7.09 7.25 9.07
N ALA A 17 -7.72 6.19 9.50
CA ALA A 17 -7.15 4.82 9.34
C ALA A 17 -7.13 4.41 7.86
N GLY A 18 -7.84 5.11 7.05
CA GLY A 18 -7.99 4.67 5.64
C GLY A 18 -6.98 5.28 4.68
N SER A 19 -5.91 4.58 4.44
CA SER A 19 -4.97 5.01 3.38
C SER A 19 -4.60 3.74 2.62
N LYS A 20 -4.59 3.76 1.30
CA LYS A 20 -4.29 2.50 0.56
C LYS A 20 -2.84 2.47 0.06
N CYS A 21 -2.18 1.35 0.21
CA CYS A 21 -0.77 1.26 -0.25
C CYS A 21 -0.51 -0.07 -0.98
N VAL A 22 0.53 -0.10 -1.77
CA VAL A 22 0.90 -1.35 -2.49
C VAL A 22 2.22 -1.86 -1.88
N ILE A 23 2.34 -3.13 -1.62
CA ILE A 23 3.60 -3.65 -0.97
C ILE A 23 4.46 -4.36 -2.01
N VAL A 24 5.75 -4.08 -2.02
CA VAL A 24 6.64 -4.83 -2.96
C VAL A 24 8.05 -4.98 -2.40
N ASP A 25 8.25 -5.87 -1.48
CA ASP A 25 9.63 -6.16 -0.98
C ASP A 25 9.54 -7.10 0.21
N ILE A 26 10.39 -8.08 0.29
CA ILE A 26 10.44 -8.87 1.54
C ILE A 26 11.87 -8.67 2.06
N ILE A 27 12.03 -8.03 3.17
CA ILE A 27 13.40 -7.78 3.69
C ILE A 27 13.78 -8.81 4.73
N ASP A 28 13.29 -8.62 5.91
CA ASP A 28 13.59 -9.54 7.02
C ASP A 28 12.36 -10.39 7.30
N ASP A 29 12.48 -11.24 8.25
CA ASP A 29 11.32 -12.10 8.58
C ASP A 29 10.12 -11.22 8.88
N ASN A 30 10.29 -10.08 9.55
CA ASN A 30 9.11 -9.23 9.87
C ASN A 30 9.04 -7.85 9.14
N PHE A 31 9.93 -7.52 8.21
CA PHE A 31 9.82 -6.17 7.51
C PHE A 31 9.46 -6.26 6.02
N VAL A 32 8.59 -5.37 5.57
CA VAL A 32 8.15 -5.32 4.13
C VAL A 32 8.26 -3.87 3.60
N LEU A 33 8.25 -3.69 2.28
CA LEU A 33 8.27 -2.27 1.74
C LEU A 33 6.85 -1.88 1.32
N VAL A 34 6.41 -0.68 1.67
CA VAL A 34 5.03 -0.26 1.28
C VAL A 34 5.06 1.08 0.53
N THR A 35 4.12 1.28 -0.36
CA THR A 35 4.08 2.57 -1.10
C THR A 35 2.64 2.99 -1.42
N GLY A 36 2.42 4.27 -1.56
CA GLY A 36 1.08 4.75 -1.94
C GLY A 36 1.25 6.13 -2.58
N PRO A 37 0.30 6.60 -3.34
CA PRO A 37 0.44 7.93 -3.96
C PRO A 37 0.49 9.02 -2.89
N LYS A 38 1.63 9.59 -2.69
CA LYS A 38 1.74 10.66 -1.66
C LYS A 38 0.78 11.80 -1.99
N ASP A 39 0.67 12.11 -3.25
CA ASP A 39 -0.23 13.22 -3.68
C ASP A 39 -1.70 12.95 -3.34
N ILE A 40 -2.15 11.74 -3.49
CA ILE A 40 -3.60 11.47 -3.23
C ILE A 40 -3.87 10.93 -1.83
N THR A 41 -3.62 9.67 -1.61
CA THR A 41 -3.94 9.04 -0.31
C THR A 41 -3.09 9.71 0.78
N GLY A 42 -1.92 10.12 0.40
CA GLY A 42 -1.01 10.82 1.35
C GLY A 42 0.10 9.90 1.84
N VAL A 43 0.01 8.62 1.64
CA VAL A 43 1.08 7.72 2.14
C VAL A 43 2.37 7.97 1.38
N LYS A 44 3.45 7.78 2.04
CA LYS A 44 4.76 7.97 1.39
C LYS A 44 5.21 6.61 0.85
N ARG A 45 6.41 6.29 1.16
CA ARG A 45 6.98 4.96 0.84
C ARG A 45 7.78 4.61 2.06
N ARG A 46 7.53 3.53 2.72
CA ARG A 46 8.35 3.25 3.91
C ARG A 46 8.30 1.76 4.27
N ARG A 47 9.18 1.33 5.11
CA ARG A 47 9.18 -0.11 5.51
C ARG A 47 8.35 -0.25 6.79
N VAL A 48 7.54 -1.29 6.93
CA VAL A 48 6.76 -1.45 8.20
C VAL A 48 6.88 -2.88 8.72
N ASN A 49 6.74 -3.04 10.01
CA ASN A 49 6.85 -4.38 10.63
C ASN A 49 5.49 -5.12 10.61
N ILE A 50 5.54 -6.39 10.91
CA ILE A 50 4.29 -7.23 10.96
C ILE A 50 3.31 -6.65 11.97
N LEU A 51 3.79 -5.93 12.95
CA LEU A 51 2.88 -5.34 13.96
C LEU A 51 1.81 -4.53 13.25
N HIS A 52 2.13 -3.95 12.12
CA HIS A 52 1.08 -3.23 11.34
C HIS A 52 0.92 -3.97 10.01
N LEU A 53 0.05 -4.94 9.98
CA LEU A 53 -0.20 -5.71 8.72
C LEU A 53 -1.65 -5.54 8.31
N GLU A 54 -1.89 -5.19 7.10
CA GLU A 54 -3.26 -5.08 6.59
C GLU A 54 -3.24 -5.55 5.16
N PRO A 55 -3.44 -6.82 4.91
CA PRO A 55 -3.37 -7.37 3.54
C PRO A 55 -4.69 -7.34 2.78
N THR A 56 -4.59 -7.28 1.49
CA THR A 56 -5.79 -7.33 0.61
C THR A 56 -5.73 -8.67 -0.12
N ASP A 57 -6.78 -9.06 -0.74
CA ASP A 57 -6.81 -10.40 -1.41
C ASP A 57 -6.20 -10.31 -2.79
N LYS A 58 -5.56 -9.23 -3.10
CA LYS A 58 -5.00 -9.07 -4.44
C LYS A 58 -3.57 -9.56 -4.51
N LYS A 59 -3.24 -10.45 -5.38
CA LYS A 59 -1.80 -10.90 -5.45
C LYS A 59 -1.29 -10.93 -6.88
N ILE A 60 -0.30 -10.14 -7.17
CA ILE A 60 0.33 -10.15 -8.51
C ILE A 60 1.84 -10.32 -8.33
N ASP A 61 2.53 -10.79 -9.31
CA ASP A 61 4.00 -11.02 -9.15
C ASP A 61 4.82 -9.74 -9.44
N ILE A 62 5.68 -9.39 -8.51
CA ILE A 62 6.53 -8.18 -8.64
C ILE A 62 7.99 -8.55 -8.46
N GLN A 63 8.88 -7.68 -8.84
CA GLN A 63 10.31 -7.96 -8.65
C GLN A 63 10.74 -7.26 -7.34
N LYS A 64 11.56 -7.93 -6.60
CA LYS A 64 12.06 -7.38 -5.29
C LYS A 64 12.98 -6.17 -5.52
N GLY A 65 12.86 -5.13 -4.72
CA GLY A 65 13.79 -3.97 -4.87
C GLY A 65 13.37 -3.01 -5.98
N ALA A 66 12.13 -2.98 -6.40
CA ALA A 66 11.81 -2.04 -7.53
C ALA A 66 12.26 -0.59 -7.20
N SER A 67 12.73 0.12 -8.20
CA SER A 67 13.16 1.56 -8.01
C SER A 67 11.89 2.37 -7.80
N ASP A 68 11.93 3.61 -7.34
CA ASP A 68 10.63 4.29 -7.17
C ASP A 68 9.90 4.40 -8.51
N GLU A 69 10.55 4.69 -9.61
CA GLU A 69 9.76 4.76 -10.87
C GLU A 69 9.18 3.37 -11.13
N GLU A 70 9.96 2.36 -10.88
CA GLU A 70 9.44 0.99 -11.07
C GLU A 70 8.31 0.77 -10.08
N VAL A 71 8.42 1.33 -8.91
CA VAL A 71 7.30 1.18 -7.95
C VAL A 71 6.09 1.88 -8.53
N LYS A 72 6.30 3.05 -9.07
CA LYS A 72 5.17 3.79 -9.68
C LYS A 72 4.59 2.96 -10.83
N LYS A 73 5.41 2.41 -11.68
CA LYS A 73 4.83 1.60 -12.80
C LYS A 73 4.04 0.46 -12.19
N LYS A 74 4.58 -0.16 -11.18
CA LYS A 74 3.82 -1.24 -10.49
C LYS A 74 2.56 -0.65 -9.88
N LEU A 75 2.61 0.56 -9.41
CA LEU A 75 1.39 1.14 -8.80
C LEU A 75 0.29 1.16 -9.84
N GLU A 76 0.62 1.47 -11.04
CA GLU A 76 -0.43 1.47 -12.08
C GLU A 76 -0.97 0.05 -12.21
N GLU A 77 -0.11 -0.93 -12.04
CA GLU A 77 -0.60 -2.33 -12.15
C GLU A 77 -1.67 -2.47 -11.09
N SER A 78 -1.44 -1.83 -9.97
CA SER A 78 -2.41 -1.86 -8.86
C SER A 78 -3.60 -1.00 -9.32
N ASN A 79 -3.35 -0.18 -10.32
CA ASN A 79 -4.39 0.73 -10.92
C ASN A 79 -4.90 1.73 -9.89
N LEU A 80 -4.04 2.16 -9.03
CA LEU A 80 -4.41 3.19 -8.01
C LEU A 80 -4.50 4.59 -8.62
N THR A 81 -3.75 4.85 -9.65
CA THR A 81 -3.72 6.20 -10.25
C THR A 81 -5.13 6.70 -10.53
N GLU A 82 -6.03 5.83 -10.86
CA GLU A 82 -7.38 6.31 -11.21
C GLU A 82 -8.47 5.32 -10.81
N TYR A 83 -8.23 4.04 -10.75
CA TYR A 83 -9.40 3.21 -10.36
C TYR A 83 -9.77 3.66 -8.96
N MET A 84 -8.75 3.74 -8.15
CA MET A 84 -8.93 4.09 -6.73
C MET A 84 -8.90 5.61 -6.52
N LYS A 85 -8.19 6.01 -5.49
CA LYS A 85 -8.16 7.44 -5.07
C LYS A 85 -9.58 7.82 -4.67
N GLU A 86 -10.32 6.85 -4.19
CA GLU A 86 -11.73 7.09 -3.77
C GLU A 86 -11.82 7.57 -2.32
N LYS A 87 -10.73 7.75 -1.63
CA LYS A 87 -10.82 8.20 -0.20
C LYS A 87 -11.66 7.18 0.58
N ILE A 88 -11.11 6.51 1.55
CA ILE A 88 -11.94 5.50 2.27
C ILE A 88 -13.12 6.21 2.93
N LYS A 89 -12.92 7.38 3.47
CA LYS A 89 -14.07 8.12 4.06
C LYS A 89 -14.59 9.09 3.01
N ILE A 90 -15.89 9.15 2.79
CA ILE A 90 -16.44 10.10 1.79
C ILE A 90 -17.42 11.06 2.45
N ARG A 91 -17.25 12.35 2.25
CA ARG A 91 -18.21 13.33 2.83
C ARG A 91 -18.70 14.31 1.77
N MET A 92 -19.94 14.68 1.87
CA MET A 92 -20.54 15.65 0.91
C MET A 92 -21.59 16.47 1.68
N PRO A 93 -22.42 15.83 2.48
CA PRO A 93 -23.42 16.54 3.33
C PRO A 93 -22.72 17.42 4.35
N THR A 94 -23.44 17.99 5.27
CA THR A 94 -22.80 18.86 6.29
C THR A 94 -21.75 18.05 7.07
N LEU A 95 -22.01 16.79 7.34
CA LEU A 95 -21.02 15.97 8.10
C LEU A 95 -20.17 15.16 7.12
N PRO A 1 -3.98 -18.77 2.04
CA PRO A 1 -3.32 -17.97 0.97
C PRO A 1 -1.89 -17.56 1.34
N ALA A 2 -1.53 -17.60 2.60
CA ALA A 2 -0.16 -17.14 2.97
C ALA A 2 -0.09 -15.67 2.59
N ILE A 3 0.99 -14.97 2.90
CA ILE A 3 1.06 -13.54 2.49
C ILE A 3 2.23 -13.34 1.54
N GLU A 4 1.98 -12.78 0.38
CA GLU A 4 3.08 -12.53 -0.60
C GLU A 4 3.04 -11.06 -1.01
N VAL A 5 4.17 -10.49 -1.33
CA VAL A 5 4.19 -9.09 -1.80
C VAL A 5 3.43 -9.02 -3.10
N GLY A 6 3.29 -7.88 -3.68
CA GLY A 6 2.56 -7.81 -4.97
C GLY A 6 1.09 -7.56 -4.75
N ARG A 7 0.71 -7.11 -3.61
CA ARG A 7 -0.74 -6.93 -3.32
C ARG A 7 -0.93 -5.61 -2.59
N ILE A 8 -2.15 -5.23 -2.32
CA ILE A 8 -2.40 -3.92 -1.64
C ILE A 8 -2.77 -4.12 -0.17
N CYS A 9 -2.36 -3.15 0.59
CA CYS A 9 -2.56 -3.17 2.05
C CYS A 9 -3.42 -2.02 2.52
N VAL A 10 -4.05 -2.20 3.63
CA VAL A 10 -4.96 -1.13 4.21
C VAL A 10 -4.56 -0.82 5.67
N LYS A 11 -4.49 0.41 6.12
CA LYS A 11 -4.09 0.60 7.55
C LYS A 11 -5.32 0.57 8.44
N VAL A 12 -5.23 -0.07 9.60
CA VAL A 12 -6.40 -0.06 10.52
C VAL A 12 -6.00 0.45 11.90
N LYS A 13 -6.62 1.50 12.33
CA LYS A 13 -6.36 2.07 13.69
C LYS A 13 -7.55 2.96 14.02
N GLY A 14 -7.68 3.43 15.22
CA GLY A 14 -8.83 4.33 15.54
C GLY A 14 -8.39 5.73 15.11
N ARG A 15 -9.21 6.74 15.30
CA ARG A 15 -8.83 8.12 14.86
C ARG A 15 -8.06 8.10 13.51
N GLU A 16 -8.73 8.49 12.45
CA GLU A 16 -8.11 8.56 11.09
C GLU A 16 -7.08 7.46 10.85
N ALA A 17 -7.39 6.52 9.99
CA ALA A 17 -6.43 5.41 9.72
C ALA A 17 -6.80 4.67 8.43
N GLY A 18 -7.60 5.27 7.60
CA GLY A 18 -8.01 4.61 6.33
C GLY A 18 -6.97 4.98 5.27
N SER A 19 -6.02 4.12 5.01
CA SER A 19 -5.07 4.42 3.90
C SER A 19 -4.69 3.12 3.19
N LYS A 20 -4.64 3.10 1.89
CA LYS A 20 -4.24 1.84 1.18
C LYS A 20 -2.81 1.96 0.71
N CYS A 21 -2.03 0.92 0.83
CA CYS A 21 -0.63 1.00 0.32
C CYS A 21 -0.33 -0.20 -0.53
N VAL A 22 0.62 -0.06 -1.36
CA VAL A 22 1.03 -1.20 -2.23
C VAL A 22 2.34 -1.73 -1.66
N ILE A 23 2.48 -3.02 -1.53
CA ILE A 23 3.74 -3.57 -0.94
C ILE A 23 4.65 -4.12 -2.03
N VAL A 24 5.90 -3.72 -2.03
CA VAL A 24 6.80 -4.27 -3.07
C VAL A 24 8.21 -4.55 -2.52
N ASP A 25 8.34 -5.52 -1.66
CA ASP A 25 9.69 -5.97 -1.19
C ASP A 25 9.51 -6.82 0.05
N ILE A 26 10.36 -7.78 0.26
CA ILE A 26 10.34 -8.48 1.57
C ILE A 26 11.73 -8.28 2.14
N ILE A 27 11.85 -7.62 3.25
CA ILE A 27 13.20 -7.37 3.83
C ILE A 27 13.50 -8.40 4.90
N ASP A 28 12.96 -8.15 6.04
CA ASP A 28 13.12 -9.05 7.19
C ASP A 28 11.82 -9.79 7.40
N ASP A 29 11.89 -10.84 8.10
CA ASP A 29 10.66 -11.63 8.31
C ASP A 29 9.57 -10.73 8.91
N ASN A 30 9.89 -9.82 9.81
CA ASN A 30 8.82 -8.95 10.39
C ASN A 30 8.69 -7.58 9.68
N PHE A 31 9.48 -7.27 8.66
CA PHE A 31 9.36 -5.94 7.97
C PHE A 31 9.04 -6.06 6.47
N VAL A 32 8.26 -5.14 5.96
CA VAL A 32 7.88 -5.12 4.51
C VAL A 32 8.09 -3.71 3.93
N LEU A 33 8.16 -3.58 2.60
CA LEU A 33 8.26 -2.20 1.99
C LEU A 33 6.89 -1.81 1.47
N VAL A 34 6.43 -0.60 1.75
CA VAL A 34 5.09 -0.18 1.23
C VAL A 34 5.19 1.15 0.48
N THR A 35 4.34 1.34 -0.50
CA THR A 35 4.35 2.65 -1.23
C THR A 35 2.94 3.10 -1.63
N GLY A 36 2.72 4.40 -1.72
CA GLY A 36 1.41 4.95 -2.14
C GLY A 36 1.60 6.44 -2.49
N PRO A 37 0.69 7.09 -3.16
CA PRO A 37 0.86 8.54 -3.46
C PRO A 37 0.82 9.33 -2.15
N LYS A 38 1.82 10.11 -1.84
CA LYS A 38 1.76 10.86 -0.55
C LYS A 38 0.54 11.80 -0.50
N ASP A 39 0.29 12.48 -1.57
CA ASP A 39 -0.84 13.49 -1.60
C ASP A 39 -2.23 12.86 -1.41
N ILE A 40 -2.43 11.71 -1.95
CA ILE A 40 -3.79 11.07 -1.89
C ILE A 40 -3.98 10.09 -0.73
N THR A 41 -3.36 8.96 -0.83
CA THR A 41 -3.48 7.93 0.24
C THR A 41 -2.75 8.41 1.50
N GLY A 42 -1.66 9.10 1.28
CA GLY A 42 -0.82 9.63 2.40
C GLY A 42 0.47 8.81 2.61
N VAL A 43 0.57 7.59 2.12
CA VAL A 43 1.84 6.83 2.35
C VAL A 43 2.75 7.08 1.15
N LYS A 44 3.97 7.57 1.33
CA LYS A 44 4.82 7.75 0.13
C LYS A 44 5.57 6.44 -0.07
N ARG A 45 6.61 6.24 0.69
CA ARG A 45 7.36 4.97 0.64
C ARG A 45 8.00 4.76 2.00
N ARG A 46 7.68 3.73 2.71
CA ARG A 46 8.34 3.53 4.01
C ARG A 46 8.31 2.05 4.40
N ARG A 47 9.12 1.65 5.33
CA ARG A 47 9.13 0.22 5.78
C ARG A 47 8.23 0.07 7.01
N VAL A 48 7.43 -0.97 7.13
CA VAL A 48 6.58 -1.11 8.36
C VAL A 48 6.71 -2.53 8.95
N ASN A 49 6.55 -2.62 10.24
CA ASN A 49 6.65 -3.93 10.97
C ASN A 49 5.31 -4.68 10.98
N ILE A 50 5.32 -5.90 11.46
CA ILE A 50 4.08 -6.75 11.53
C ILE A 50 2.98 -6.04 12.34
N LEU A 51 3.37 -5.22 13.27
CA LEU A 51 2.36 -4.53 14.13
C LEU A 51 1.36 -3.81 13.24
N HIS A 52 1.76 -3.38 12.07
CA HIS A 52 0.78 -2.79 11.13
C HIS A 52 0.73 -3.72 9.92
N LEU A 53 -0.13 -4.72 9.94
CA LEU A 53 -0.24 -5.65 8.79
C LEU A 53 -1.68 -5.68 8.31
N GLU A 54 -1.91 -5.49 7.06
CA GLU A 54 -3.29 -5.59 6.54
C GLU A 54 -3.20 -6.02 5.07
N PRO A 55 -3.31 -7.28 4.77
CA PRO A 55 -3.20 -7.75 3.36
C PRO A 55 -4.54 -7.74 2.64
N THR A 56 -4.52 -7.62 1.34
CA THR A 56 -5.78 -7.65 0.55
C THR A 56 -5.74 -8.87 -0.39
N ASP A 57 -6.86 -9.24 -0.92
CA ASP A 57 -6.95 -10.45 -1.79
C ASP A 57 -6.70 -10.10 -3.25
N LYS A 58 -5.78 -9.22 -3.51
CA LYS A 58 -5.50 -8.76 -4.89
C LYS A 58 -4.56 -9.71 -5.64
N LYS A 59 -4.06 -9.24 -6.73
CA LYS A 59 -3.15 -10.01 -7.62
C LYS A 59 -1.74 -9.90 -7.09
N ILE A 60 -0.89 -10.87 -7.37
CA ILE A 60 0.53 -10.78 -6.92
C ILE A 60 1.47 -10.71 -8.15
N ASP A 61 2.19 -9.62 -8.31
CA ASP A 61 3.19 -9.57 -9.43
C ASP A 61 4.09 -8.32 -9.41
N ILE A 62 5.19 -8.31 -8.69
CA ILE A 62 6.09 -7.11 -8.75
C ILE A 62 7.53 -7.58 -8.96
N GLN A 63 8.41 -6.74 -9.43
CA GLN A 63 9.79 -7.26 -9.62
C GLN A 63 10.36 -7.65 -8.26
N LYS A 64 10.20 -6.80 -7.23
CA LYS A 64 10.75 -7.10 -5.85
C LYS A 64 12.06 -6.31 -5.69
N GLY A 65 12.05 -5.17 -5.01
CA GLY A 65 13.32 -4.40 -4.88
C GLY A 65 13.44 -3.43 -6.07
N ALA A 66 12.38 -3.28 -6.80
CA ALA A 66 12.38 -2.38 -8.01
C ALA A 66 12.78 -0.93 -7.65
N SER A 67 13.41 -0.24 -8.59
CA SER A 67 13.81 1.18 -8.35
C SER A 67 12.54 2.02 -8.19
N ASP A 68 12.61 3.22 -7.67
CA ASP A 68 11.36 3.98 -7.51
C ASP A 68 10.64 4.17 -8.84
N GLU A 69 11.31 4.48 -9.91
CA GLU A 69 10.54 4.67 -11.18
C GLU A 69 9.85 3.36 -11.54
N GLU A 70 10.55 2.28 -11.35
CA GLU A 70 9.94 0.96 -11.64
C GLU A 70 8.79 0.72 -10.66
N VAL A 71 8.93 1.16 -9.43
CA VAL A 71 7.82 0.99 -8.44
C VAL A 71 6.62 1.81 -8.88
N LYS A 72 6.85 3.00 -9.33
CA LYS A 72 5.70 3.83 -9.77
C LYS A 72 4.97 3.15 -10.94
N LYS A 73 5.71 2.60 -11.86
CA LYS A 73 5.06 1.91 -13.03
C LYS A 73 4.18 0.76 -12.53
N LYS A 74 4.70 0.00 -11.61
CA LYS A 74 3.93 -1.14 -11.04
C LYS A 74 2.65 -0.64 -10.37
N LEU A 75 2.69 0.55 -9.82
CA LEU A 75 1.49 1.07 -9.14
C LEU A 75 0.31 1.02 -10.10
N GLU A 76 0.54 1.28 -11.32
CA GLU A 76 -0.60 1.26 -12.29
C GLU A 76 -1.24 -0.12 -12.28
N GLU A 77 -0.48 -1.16 -12.03
CA GLU A 77 -1.09 -2.52 -11.99
C GLU A 77 -2.20 -2.45 -10.93
N SER A 78 -1.93 -1.70 -9.91
CA SER A 78 -2.89 -1.55 -8.79
C SER A 78 -4.13 -0.80 -9.33
N ASN A 79 -3.96 -0.13 -10.45
CA ASN A 79 -5.07 0.68 -11.07
C ASN A 79 -5.48 1.73 -10.06
N LEU A 80 -4.49 2.21 -9.40
CA LEU A 80 -4.68 3.23 -8.34
C LEU A 80 -5.12 4.57 -8.92
N THR A 81 -4.72 4.85 -10.12
CA THR A 81 -5.02 6.18 -10.71
C THR A 81 -6.46 6.57 -10.43
N GLU A 82 -7.38 5.66 -10.41
CA GLU A 82 -8.77 6.09 -10.14
C GLU A 82 -9.62 4.96 -9.56
N TYR A 83 -9.30 3.71 -9.77
CA TYR A 83 -10.22 2.69 -9.20
C TYR A 83 -10.24 2.88 -7.70
N MET A 84 -9.05 2.98 -7.21
CA MET A 84 -8.86 3.05 -5.76
C MET A 84 -9.02 4.46 -5.20
N LYS A 85 -8.02 4.95 -4.54
CA LYS A 85 -8.10 6.31 -3.93
C LYS A 85 -9.45 6.43 -3.19
N GLU A 86 -10.10 5.30 -2.96
CA GLU A 86 -11.42 5.27 -2.27
C GLU A 86 -11.38 5.63 -0.80
N LYS A 87 -10.26 5.50 -0.11
CA LYS A 87 -10.24 5.80 1.35
C LYS A 87 -11.31 4.94 2.04
N ILE A 88 -11.05 4.48 3.24
CA ILE A 88 -12.03 3.58 3.91
C ILE A 88 -13.23 4.43 4.36
N LYS A 89 -13.11 5.73 4.24
CA LYS A 89 -14.21 6.64 4.66
C LYS A 89 -15.39 6.51 3.69
N ILE A 90 -16.23 7.51 3.62
CA ILE A 90 -17.36 7.49 2.64
C ILE A 90 -17.24 8.74 1.75
N ARG A 91 -17.26 8.59 0.44
CA ARG A 91 -17.17 9.83 -0.41
C ARG A 91 -18.19 9.86 -1.55
N MET A 92 -18.82 10.99 -1.70
CA MET A 92 -19.79 11.20 -2.80
C MET A 92 -19.85 12.71 -3.07
N PRO A 93 -20.05 13.53 -2.05
CA PRO A 93 -20.09 15.01 -2.22
C PRO A 93 -18.73 15.53 -2.70
N THR A 94 -17.69 14.78 -2.45
CA THR A 94 -16.32 15.20 -2.88
C THR A 94 -16.16 15.00 -4.38
N LEU A 95 -16.94 14.10 -4.94
CA LEU A 95 -16.85 13.85 -6.41
C LEU A 95 -17.94 14.65 -7.13
N PRO A 1 -5.43 -19.02 2.55
CA PRO A 1 -4.61 -18.12 1.68
C PRO A 1 -3.36 -17.59 2.39
N ALA A 2 -3.31 -17.64 3.70
CA ALA A 2 -2.14 -17.09 4.41
C ALA A 2 -1.87 -15.69 3.86
N ILE A 3 -0.78 -15.06 4.21
CA ILE A 3 -0.53 -13.69 3.66
C ILE A 3 0.71 -13.68 2.77
N GLU A 4 0.56 -13.21 1.56
CA GLU A 4 1.71 -13.18 0.60
C GLU A 4 2.17 -11.73 0.38
N VAL A 5 3.41 -11.59 0.01
CA VAL A 5 4.00 -10.26 -0.25
C VAL A 5 3.28 -9.63 -1.41
N GLY A 6 3.60 -8.42 -1.73
CA GLY A 6 2.92 -7.77 -2.85
C GLY A 6 1.52 -7.34 -2.46
N ARG A 7 0.57 -7.87 -3.11
CA ARG A 7 -0.85 -7.54 -2.82
C ARG A 7 -0.98 -6.01 -2.52
N ILE A 8 -2.15 -5.58 -2.07
CA ILE A 8 -2.31 -4.12 -1.75
C ILE A 8 -2.63 -4.04 -0.28
N CYS A 9 -2.22 -3.00 0.38
CA CYS A 9 -2.42 -2.90 1.83
C CYS A 9 -3.09 -1.58 2.24
N VAL A 10 -3.68 -1.56 3.40
CA VAL A 10 -4.33 -0.33 3.94
C VAL A 10 -3.85 -0.13 5.38
N LYS A 11 -3.67 1.08 5.87
CA LYS A 11 -3.16 1.23 7.26
C LYS A 11 -4.34 1.29 8.22
N VAL A 12 -4.27 0.61 9.35
CA VAL A 12 -5.40 0.72 10.30
C VAL A 12 -4.94 1.16 11.68
N LYS A 13 -5.48 2.24 12.11
CA LYS A 13 -5.18 2.75 13.46
C LYS A 13 -6.25 3.79 13.73
N GLY A 14 -6.53 4.17 14.94
CA GLY A 14 -7.60 5.18 15.11
C GLY A 14 -7.00 6.58 14.96
N ARG A 15 -7.81 7.59 15.05
CA ARG A 15 -7.32 8.98 14.85
C ARG A 15 -6.43 9.05 13.59
N GLU A 16 -7.03 9.39 12.48
CA GLU A 16 -6.29 9.54 11.18
C GLU A 16 -5.26 8.42 10.94
N ALA A 17 -5.53 7.55 10.01
CA ALA A 17 -4.57 6.43 9.70
C ALA A 17 -5.12 5.52 8.59
N GLY A 18 -6.18 5.87 7.94
CA GLY A 18 -6.68 5.00 6.84
C GLY A 18 -6.05 5.50 5.55
N SER A 19 -5.23 4.70 4.94
CA SER A 19 -4.65 5.11 3.62
C SER A 19 -4.34 3.84 2.84
N LYS A 20 -4.42 3.86 1.53
CA LYS A 20 -4.13 2.62 0.77
C LYS A 20 -2.68 2.60 0.31
N CYS A 21 -2.07 1.45 0.34
CA CYS A 21 -0.66 1.33 -0.10
C CYS A 21 -0.46 0.04 -0.89
N VAL A 22 0.57 0.01 -1.69
CA VAL A 22 0.88 -1.21 -2.48
C VAL A 22 2.22 -1.76 -1.96
N ILE A 23 2.34 -3.06 -1.76
CA ILE A 23 3.63 -3.57 -1.17
C ILE A 23 4.58 -4.02 -2.27
N VAL A 24 5.84 -3.62 -2.16
CA VAL A 24 6.82 -4.11 -3.16
C VAL A 24 8.23 -4.24 -2.54
N ASP A 25 8.47 -5.27 -1.78
CA ASP A 25 9.86 -5.56 -1.29
C ASP A 25 9.77 -6.64 -0.24
N ILE A 26 10.78 -7.45 -0.15
CA ILE A 26 10.86 -8.39 0.99
C ILE A 26 12.18 -7.99 1.69
N ILE A 27 12.14 -7.62 2.93
CA ILE A 27 13.40 -7.19 3.61
C ILE A 27 13.82 -8.24 4.62
N ASP A 28 12.86 -8.78 5.29
CA ASP A 28 13.13 -9.80 6.31
C ASP A 28 11.81 -10.49 6.61
N ASP A 29 11.83 -11.50 7.40
CA ASP A 29 10.55 -12.21 7.68
C ASP A 29 9.48 -11.27 8.28
N ASN A 30 9.82 -10.35 9.17
CA ASN A 30 8.76 -9.48 9.76
C ASN A 30 8.64 -8.08 9.14
N PHE A 31 9.43 -7.73 8.13
CA PHE A 31 9.31 -6.35 7.55
C PHE A 31 8.96 -6.38 6.06
N VAL A 32 8.15 -5.46 5.60
CA VAL A 32 7.81 -5.38 4.13
C VAL A 32 7.92 -3.91 3.66
N LEU A 33 8.02 -3.67 2.37
CA LEU A 33 8.05 -2.22 1.88
C LEU A 33 6.67 -1.83 1.36
N VAL A 34 6.15 -0.68 1.75
CA VAL A 34 4.81 -0.29 1.22
C VAL A 34 4.90 1.07 0.53
N THR A 35 4.15 1.27 -0.53
CA THR A 35 4.21 2.56 -1.26
C THR A 35 2.84 2.96 -1.84
N GLY A 36 2.65 4.23 -2.05
CA GLY A 36 1.38 4.73 -2.70
C GLY A 36 1.71 6.07 -3.34
N PRO A 37 0.88 6.58 -4.21
CA PRO A 37 1.17 7.89 -4.84
C PRO A 37 1.18 8.98 -3.77
N LYS A 38 2.31 9.59 -3.58
CA LYS A 38 2.41 10.68 -2.57
C LYS A 38 1.44 11.81 -2.90
N ASP A 39 1.25 12.05 -4.16
CA ASP A 39 0.34 13.17 -4.58
C ASP A 39 -1.10 12.95 -4.13
N ILE A 40 -1.62 11.74 -4.21
CA ILE A 40 -3.05 11.51 -3.82
C ILE A 40 -3.18 10.96 -2.39
N THR A 41 -2.96 9.68 -2.20
CA THR A 41 -3.15 9.07 -0.86
C THR A 41 -2.22 9.73 0.14
N GLY A 42 -1.04 10.08 -0.29
CA GLY A 42 -0.08 10.77 0.61
C GLY A 42 0.97 9.80 1.18
N VAL A 43 0.89 8.52 0.91
CA VAL A 43 1.97 7.63 1.42
C VAL A 43 3.01 7.59 0.31
N LYS A 44 4.27 7.77 0.63
CA LYS A 44 5.29 7.75 -0.46
C LYS A 44 5.89 6.37 -0.59
N ARG A 45 6.78 6.06 0.30
CA ARG A 45 7.43 4.75 0.36
C ARG A 45 7.82 4.54 1.81
N ARG A 46 7.45 3.47 2.44
CA ARG A 46 7.83 3.30 3.86
C ARG A 46 7.85 1.82 4.22
N ARG A 47 8.44 1.48 5.33
CA ARG A 47 8.55 0.04 5.73
C ARG A 47 7.70 -0.20 6.98
N VAL A 48 6.98 -1.31 7.05
CA VAL A 48 6.19 -1.58 8.29
C VAL A 48 6.40 -3.01 8.78
N ASN A 49 6.28 -3.19 10.06
CA ASN A 49 6.48 -4.52 10.69
C ASN A 49 5.15 -5.29 10.65
N ILE A 50 5.18 -6.58 10.84
CA ILE A 50 3.92 -7.38 10.83
C ILE A 50 2.94 -6.88 11.88
N LEU A 51 3.39 -6.23 12.93
CA LEU A 51 2.42 -5.76 13.95
C LEU A 51 1.37 -4.90 13.27
N HIS A 52 1.73 -4.14 12.27
CA HIS A 52 0.70 -3.35 11.54
C HIS A 52 0.63 -3.87 10.11
N LEU A 53 -0.15 -4.88 9.86
CA LEU A 53 -0.27 -5.41 8.48
C LEU A 53 -1.76 -5.49 8.12
N GLU A 54 -2.17 -4.94 7.01
CA GLU A 54 -3.60 -5.07 6.60
C GLU A 54 -3.61 -5.45 5.11
N PRO A 55 -3.53 -6.73 4.80
CA PRO A 55 -3.49 -7.19 3.40
C PRO A 55 -4.86 -7.52 2.79
N THR A 56 -4.98 -7.30 1.51
CA THR A 56 -6.25 -7.62 0.79
C THR A 56 -6.04 -8.93 0.04
N ASP A 57 -7.06 -9.47 -0.53
CA ASP A 57 -6.95 -10.76 -1.26
C ASP A 57 -6.45 -10.47 -2.67
N LYS A 58 -5.92 -9.30 -2.86
CA LYS A 58 -5.42 -8.88 -4.17
C LYS A 58 -3.98 -9.33 -4.31
N LYS A 59 -3.60 -9.97 -5.37
CA LYS A 59 -2.16 -10.37 -5.51
C LYS A 59 -1.64 -10.02 -6.90
N ILE A 60 -0.63 -9.19 -6.95
CA ILE A 60 0.02 -8.80 -8.24
C ILE A 60 1.47 -9.28 -8.16
N ASP A 61 2.04 -9.77 -9.23
CA ASP A 61 3.45 -10.22 -9.16
C ASP A 61 4.42 -9.06 -9.44
N ILE A 62 5.37 -8.85 -8.57
CA ILE A 62 6.36 -7.72 -8.74
C ILE A 62 7.78 -8.27 -8.66
N GLN A 63 8.74 -7.53 -9.13
CA GLN A 63 10.14 -8.01 -9.06
C GLN A 63 10.59 -7.99 -7.59
N LYS A 64 11.46 -7.08 -7.21
CA LYS A 64 11.89 -7.01 -5.77
C LYS A 64 12.85 -5.83 -5.58
N GLY A 65 12.52 -4.87 -4.75
CA GLY A 65 13.47 -3.74 -4.53
C GLY A 65 13.42 -2.74 -5.67
N ALA A 66 12.35 -2.72 -6.43
CA ALA A 66 12.28 -1.79 -7.59
C ALA A 66 12.60 -0.34 -7.17
N SER A 67 13.21 0.41 -8.07
CA SER A 67 13.57 1.84 -7.78
C SER A 67 12.27 2.62 -7.63
N ASP A 68 12.28 3.80 -7.05
CA ASP A 68 10.97 4.48 -6.90
C ASP A 68 10.31 4.67 -8.26
N GLU A 69 11.02 5.09 -9.27
CA GLU A 69 10.31 5.26 -10.57
C GLU A 69 9.77 3.92 -11.05
N GLU A 70 10.53 2.87 -10.88
CA GLU A 70 10.03 1.54 -11.26
C GLU A 70 8.87 1.15 -10.33
N VAL A 71 8.99 1.51 -9.07
CA VAL A 71 7.92 1.16 -8.09
C VAL A 71 6.61 1.82 -8.47
N LYS A 72 6.65 3.05 -8.90
CA LYS A 72 5.39 3.74 -9.26
C LYS A 72 4.69 2.95 -10.38
N LYS A 73 5.45 2.44 -11.32
CA LYS A 73 4.82 1.70 -12.44
C LYS A 73 4.01 0.49 -11.92
N LYS A 74 4.51 -0.22 -10.95
CA LYS A 74 3.75 -1.40 -10.42
C LYS A 74 2.39 -0.99 -9.85
N LEU A 75 2.27 0.16 -9.29
CA LEU A 75 0.95 0.54 -8.70
C LEU A 75 -0.09 0.48 -9.80
N GLU A 76 0.23 0.88 -10.96
CA GLU A 76 -0.82 0.84 -12.00
C GLU A 76 -1.33 -0.60 -12.09
N GLU A 77 -0.48 -1.57 -11.85
CA GLU A 77 -0.99 -2.96 -11.87
C GLU A 77 -1.97 -3.07 -10.71
N SER A 78 -1.69 -2.34 -9.66
CA SER A 78 -2.59 -2.36 -8.47
C SER A 78 -3.90 -1.73 -8.93
N ASN A 79 -3.81 -0.88 -9.93
CA ASN A 79 -4.99 -0.15 -10.45
C ASN A 79 -5.50 0.70 -9.30
N LEU A 80 -4.57 1.23 -8.57
CA LEU A 80 -4.86 2.13 -7.43
C LEU A 80 -5.41 3.44 -7.97
N THR A 81 -4.98 3.76 -9.14
CA THR A 81 -5.34 5.06 -9.78
C THR A 81 -6.81 5.40 -9.57
N GLU A 82 -7.68 4.45 -9.55
CA GLU A 82 -9.11 4.80 -9.37
C GLU A 82 -9.92 3.65 -8.80
N TYR A 83 -9.41 2.44 -8.79
CA TYR A 83 -10.25 1.38 -8.19
C TYR A 83 -10.44 1.78 -6.72
N MET A 84 -9.37 2.25 -6.12
CA MET A 84 -9.41 2.60 -4.67
C MET A 84 -9.34 4.12 -4.43
N LYS A 85 -8.34 4.55 -3.71
CA LYS A 85 -8.20 5.99 -3.34
C LYS A 85 -9.44 6.43 -2.57
N GLU A 86 -10.02 5.55 -1.82
CA GLU A 86 -11.22 5.96 -1.03
C GLU A 86 -10.81 6.98 0.03
N LYS A 87 -9.64 6.77 0.60
CA LYS A 87 -9.08 7.61 1.72
C LYS A 87 -9.32 6.85 3.01
N ILE A 88 -9.75 7.52 4.04
CA ILE A 88 -10.07 6.82 5.31
C ILE A 88 -11.58 6.89 5.49
N LYS A 89 -12.05 7.66 6.41
CA LYS A 89 -13.52 7.79 6.60
C LYS A 89 -13.90 9.25 6.86
N ILE A 90 -14.87 9.77 6.16
CA ILE A 90 -15.36 11.16 6.44
C ILE A 90 -16.89 11.11 6.58
N ARG A 91 -17.46 11.66 7.63
CA ARG A 91 -18.96 11.61 7.71
C ARG A 91 -19.57 12.94 8.16
N MET A 92 -20.60 13.34 7.47
CA MET A 92 -21.34 14.58 7.82
C MET A 92 -22.74 14.45 7.19
N PRO A 93 -22.84 14.19 5.90
CA PRO A 93 -24.16 13.99 5.25
C PRO A 93 -24.89 12.79 5.87
N THR A 94 -24.12 11.91 6.48
CA THR A 94 -24.72 10.71 7.14
C THR A 94 -25.39 11.15 8.44
N LEU A 95 -24.94 12.24 8.98
CA LEU A 95 -25.54 12.75 10.25
C LEU A 95 -26.61 13.80 9.93
N PRO A 1 -3.72 -17.20 4.66
CA PRO A 1 -2.99 -16.50 3.56
C PRO A 1 -2.04 -15.43 4.08
N ALA A 2 -2.30 -14.92 5.27
CA ALA A 2 -1.44 -13.83 5.84
C ALA A 2 -1.03 -12.92 4.68
N ILE A 3 0.25 -12.70 4.49
CA ILE A 3 0.68 -11.87 3.32
C ILE A 3 1.51 -12.75 2.38
N GLU A 4 1.03 -12.98 1.19
CA GLU A 4 1.83 -13.77 0.22
C GLU A 4 2.98 -12.90 -0.29
N VAL A 5 2.67 -11.62 -0.44
CA VAL A 5 3.62 -10.57 -0.97
C VAL A 5 3.09 -10.16 -2.35
N GLY A 6 3.24 -8.92 -2.74
CA GLY A 6 2.75 -8.51 -4.08
C GLY A 6 1.29 -8.05 -4.00
N ARG A 7 0.75 -7.90 -2.82
CA ARG A 7 -0.67 -7.48 -2.69
C ARG A 7 -0.78 -5.99 -2.41
N ILE A 8 -1.99 -5.50 -2.28
CA ILE A 8 -2.20 -4.06 -1.96
C ILE A 8 -2.65 -4.03 -0.52
N CYS A 9 -2.15 -3.11 0.23
CA CYS A 9 -2.43 -3.12 1.69
C CYS A 9 -3.06 -1.82 2.18
N VAL A 10 -3.70 -1.91 3.30
CA VAL A 10 -4.34 -0.72 3.93
C VAL A 10 -3.65 -0.51 5.28
N LYS A 11 -3.32 0.69 5.68
CA LYS A 11 -2.60 0.87 6.98
C LYS A 11 -3.60 1.05 8.11
N VAL A 12 -3.31 0.55 9.30
CA VAL A 12 -4.31 0.72 10.41
C VAL A 12 -3.68 1.32 11.69
N LYS A 13 -3.65 2.62 11.73
CA LYS A 13 -3.15 3.35 12.93
C LYS A 13 -4.09 4.53 13.11
N GLY A 14 -4.42 4.94 14.31
CA GLY A 14 -5.41 6.05 14.41
C GLY A 14 -4.70 7.39 14.22
N ARG A 15 -5.42 8.47 14.27
CA ARG A 15 -4.80 9.79 14.01
C ARG A 15 -4.08 9.71 12.66
N GLU A 16 -4.78 10.06 11.61
CA GLU A 16 -4.21 10.02 10.22
C GLU A 16 -3.45 8.70 9.98
N ALA A 17 -4.01 7.82 9.17
CA ALA A 17 -3.33 6.53 8.84
C ALA A 17 -4.34 5.46 8.41
N GLY A 18 -5.05 5.65 7.34
CA GLY A 18 -5.95 4.57 6.88
C GLY A 18 -6.13 4.68 5.39
N SER A 19 -5.14 4.25 4.63
CA SER A 19 -5.21 4.40 3.15
C SER A 19 -4.60 3.18 2.48
N LYS A 20 -4.80 3.02 1.19
CA LYS A 20 -4.26 1.82 0.51
C LYS A 20 -2.84 2.03 0.03
N CYS A 21 -2.12 0.95 -0.04
CA CYS A 21 -0.71 0.98 -0.50
C CYS A 21 -0.42 -0.23 -1.37
N VAL A 22 0.62 -0.16 -2.16
CA VAL A 22 1.02 -1.37 -2.95
C VAL A 22 2.35 -1.84 -2.35
N ILE A 23 2.47 -3.11 -2.02
CA ILE A 23 3.72 -3.56 -1.31
C ILE A 23 4.79 -4.06 -2.28
N VAL A 24 6.02 -3.62 -2.08
CA VAL A 24 7.11 -4.16 -2.94
C VAL A 24 8.47 -4.23 -2.22
N ASP A 25 8.68 -5.22 -1.37
CA ASP A 25 10.04 -5.45 -0.77
C ASP A 25 9.95 -6.45 0.36
N ILE A 26 10.99 -7.20 0.56
CA ILE A 26 11.08 -8.09 1.75
C ILE A 26 12.39 -7.67 2.42
N ILE A 27 12.44 -7.45 3.71
CA ILE A 27 13.71 -7.00 4.33
C ILE A 27 14.38 -8.13 5.08
N ASP A 28 14.61 -7.93 6.35
CA ASP A 28 15.22 -8.99 7.19
C ASP A 28 14.31 -10.21 7.21
N ASP A 29 13.02 -9.97 7.32
CA ASP A 29 11.95 -11.04 7.34
C ASP A 29 10.60 -10.40 7.73
N ASN A 30 10.53 -9.78 8.90
CA ASN A 30 9.23 -9.23 9.37
C ASN A 30 8.99 -7.79 8.91
N PHE A 31 9.85 -7.22 8.11
CA PHE A 31 9.63 -5.81 7.65
C PHE A 31 9.31 -5.84 6.15
N VAL A 32 8.44 -4.97 5.69
CA VAL A 32 8.10 -4.93 4.22
C VAL A 32 8.20 -3.48 3.73
N LEU A 33 8.31 -3.26 2.42
CA LEU A 33 8.31 -1.81 1.92
C LEU A 33 6.99 -1.52 1.25
N VAL A 34 6.35 -0.42 1.57
CA VAL A 34 5.04 -0.10 0.91
C VAL A 34 5.09 1.33 0.34
N THR A 35 4.35 1.60 -0.72
CA THR A 35 4.32 3.01 -1.24
C THR A 35 2.93 3.35 -1.81
N GLY A 36 2.55 4.60 -1.77
CA GLY A 36 1.24 5.02 -2.36
C GLY A 36 1.29 6.53 -2.59
N PRO A 37 0.41 7.09 -3.36
CA PRO A 37 0.40 8.56 -3.58
C PRO A 37 -0.03 9.27 -2.28
N LYS A 38 0.90 9.81 -1.55
CA LYS A 38 0.53 10.49 -0.27
C LYS A 38 -0.51 11.56 -0.56
N ASP A 39 -0.34 12.22 -1.67
CA ASP A 39 -1.24 13.35 -2.01
C ASP A 39 -2.69 12.90 -2.02
N ILE A 40 -2.97 11.70 -2.45
CA ILE A 40 -4.39 11.24 -2.44
C ILE A 40 -4.60 10.14 -1.39
N THR A 41 -3.68 9.24 -1.26
CA THR A 41 -3.81 8.16 -0.23
C THR A 41 -3.30 8.60 1.14
N GLY A 42 -2.33 9.45 1.16
CA GLY A 42 -1.76 9.92 2.45
C GLY A 42 -0.51 9.10 2.81
N VAL A 43 -0.26 8.01 2.11
CA VAL A 43 0.94 7.19 2.42
C VAL A 43 2.01 7.48 1.37
N LYS A 44 3.23 7.82 1.77
CA LYS A 44 4.28 8.09 0.72
C LYS A 44 5.08 6.82 0.49
N ARG A 45 6.05 6.58 1.35
CA ARG A 45 6.88 5.37 1.24
C ARG A 45 7.39 5.04 2.63
N ARG A 46 7.10 3.90 3.15
CA ARG A 46 7.62 3.58 4.49
C ARG A 46 7.66 2.06 4.68
N ARG A 47 8.30 1.59 5.72
CA ARG A 47 8.36 0.11 5.93
C ARG A 47 7.53 -0.23 7.16
N VAL A 48 6.79 -1.33 7.11
CA VAL A 48 5.93 -1.71 8.28
C VAL A 48 6.25 -3.12 8.79
N ASN A 49 6.30 -3.26 10.09
CA ASN A 49 6.59 -4.57 10.71
C ASN A 49 5.30 -5.41 10.67
N ILE A 50 5.39 -6.70 10.70
CA ILE A 50 4.16 -7.57 10.67
C ILE A 50 3.22 -7.17 11.82
N LEU A 51 3.76 -6.65 12.87
CA LEU A 51 2.89 -6.29 14.02
C LEU A 51 1.77 -5.37 13.52
N HIS A 52 2.04 -4.54 12.55
CA HIS A 52 0.94 -3.67 11.99
C HIS A 52 0.70 -4.06 10.53
N LEU A 53 -0.22 -4.95 10.23
CA LEU A 53 -0.46 -5.30 8.79
C LEU A 53 -1.97 -5.37 8.50
N GLU A 54 -2.41 -4.71 7.46
CA GLU A 54 -3.85 -4.81 7.04
C GLU A 54 -3.79 -5.11 5.52
N PRO A 55 -3.69 -6.37 5.15
CA PRO A 55 -3.55 -6.78 3.73
C PRO A 55 -4.84 -7.07 3.00
N THR A 56 -4.78 -6.98 1.70
CA THR A 56 -5.96 -7.27 0.85
C THR A 56 -5.74 -8.62 0.15
N ASP A 57 -6.77 -9.17 -0.40
CA ASP A 57 -6.69 -10.49 -1.08
C ASP A 57 -6.21 -10.27 -2.51
N LYS A 58 -5.70 -9.11 -2.77
CA LYS A 58 -5.26 -8.76 -4.13
C LYS A 58 -3.81 -9.19 -4.29
N LYS A 59 -3.45 -9.68 -5.43
CA LYS A 59 -2.04 -10.13 -5.65
C LYS A 59 -1.53 -9.65 -6.99
N ILE A 60 -0.38 -9.04 -6.99
CA ILE A 60 0.24 -8.54 -8.25
C ILE A 60 1.65 -9.15 -8.31
N ASP A 61 2.15 -9.42 -9.47
CA ASP A 61 3.52 -10.03 -9.54
C ASP A 61 4.55 -8.90 -9.48
N ILE A 62 5.39 -8.94 -8.48
CA ILE A 62 6.39 -7.85 -8.28
C ILE A 62 7.83 -8.38 -8.30
N GLN A 63 8.78 -7.52 -8.57
CA GLN A 63 10.21 -7.94 -8.61
C GLN A 63 10.84 -7.88 -7.20
N LYS A 64 10.08 -7.48 -6.22
CA LYS A 64 10.65 -7.39 -4.83
C LYS A 64 11.90 -6.52 -4.79
N GLY A 65 11.75 -5.31 -4.33
CA GLY A 65 12.94 -4.41 -4.23
C GLY A 65 13.11 -3.55 -5.50
N ALA A 66 12.18 -3.61 -6.42
CA ALA A 66 12.32 -2.81 -7.67
C ALA A 66 12.59 -1.34 -7.33
N SER A 67 13.32 -0.65 -8.18
CA SER A 67 13.63 0.78 -7.90
C SER A 67 12.34 1.58 -7.93
N ASP A 68 12.32 2.74 -7.31
CA ASP A 68 11.06 3.52 -7.26
C ASP A 68 10.52 3.82 -8.66
N GLU A 69 11.34 4.15 -9.62
CA GLU A 69 10.74 4.47 -10.95
C GLU A 69 10.03 3.24 -11.51
N GLU A 70 10.59 2.06 -11.34
CA GLU A 70 9.88 0.86 -11.85
C GLU A 70 8.62 0.63 -11.03
N VAL A 71 8.70 0.87 -9.75
CA VAL A 71 7.52 0.66 -8.86
C VAL A 71 6.39 1.61 -9.21
N LYS A 72 6.68 2.85 -9.48
CA LYS A 72 5.57 3.78 -9.80
C LYS A 72 4.84 3.29 -11.04
N LYS A 73 5.55 2.84 -12.05
CA LYS A 73 4.83 2.38 -13.25
C LYS A 73 3.93 1.20 -12.87
N LYS A 74 4.46 0.28 -12.09
CA LYS A 74 3.68 -0.91 -11.66
C LYS A 74 2.45 -0.50 -10.87
N LEU A 75 2.57 0.53 -10.08
CA LEU A 75 1.44 0.92 -9.23
C LEU A 75 0.21 1.11 -10.10
N GLU A 76 0.37 1.67 -11.24
CA GLU A 76 -0.81 1.88 -12.09
C GLU A 76 -1.48 0.52 -12.33
N GLU A 77 -0.71 -0.54 -12.41
CA GLU A 77 -1.34 -1.88 -12.58
C GLU A 77 -2.27 -2.09 -11.38
N SER A 78 -1.86 -1.56 -10.26
CA SER A 78 -2.69 -1.69 -9.03
C SER A 78 -4.03 -0.98 -9.33
N ASN A 79 -3.98 -0.02 -10.24
CA ASN A 79 -5.19 0.79 -10.69
C ASN A 79 -5.68 1.77 -9.62
N LEU A 80 -4.73 2.42 -9.04
CA LEU A 80 -5.00 3.51 -8.05
C LEU A 80 -5.56 4.72 -8.78
N THR A 81 -5.30 4.82 -10.06
CA THR A 81 -5.72 6.03 -10.82
C THR A 81 -7.11 6.45 -10.40
N GLU A 82 -8.00 5.54 -10.14
CA GLU A 82 -9.37 5.96 -9.72
C GLU A 82 -10.16 4.74 -9.20
N TYR A 83 -9.67 3.54 -9.40
CA TYR A 83 -10.46 2.37 -8.89
C TYR A 83 -10.57 2.56 -7.38
N MET A 84 -9.45 2.91 -6.84
CA MET A 84 -9.32 3.07 -5.38
C MET A 84 -9.45 4.53 -4.96
N LYS A 85 -8.49 5.01 -4.22
CA LYS A 85 -8.50 6.41 -3.74
C LYS A 85 -9.80 6.77 -3.02
N GLU A 86 -10.56 5.82 -2.53
CA GLU A 86 -11.79 6.23 -1.80
C GLU A 86 -11.38 6.93 -0.50
N LYS A 87 -10.33 6.40 0.11
CA LYS A 87 -9.83 6.88 1.45
C LYS A 87 -10.61 6.07 2.48
N ILE A 88 -9.94 5.35 3.35
CA ILE A 88 -10.70 4.48 4.30
C ILE A 88 -11.69 5.28 5.17
N LYS A 89 -11.36 6.44 5.70
CA LYS A 89 -12.38 7.17 6.52
C LYS A 89 -12.59 8.57 5.94
N ILE A 90 -13.84 9.00 5.84
CA ILE A 90 -14.13 10.35 5.29
C ILE A 90 -15.40 10.93 5.94
N ARG A 91 -15.30 11.41 7.16
CA ARG A 91 -16.50 11.98 7.82
C ARG A 91 -16.96 13.23 7.05
N MET A 92 -16.02 14.02 6.61
CA MET A 92 -16.38 15.26 5.86
C MET A 92 -15.31 15.54 4.79
N PRO A 93 -15.45 15.00 3.61
CA PRO A 93 -14.43 15.25 2.55
C PRO A 93 -14.22 16.75 2.35
N THR A 94 -15.23 17.53 2.64
CA THR A 94 -15.11 19.00 2.51
C THR A 94 -14.01 19.50 3.45
N LEU A 95 -13.90 18.91 4.62
CA LEU A 95 -12.86 19.35 5.58
C LEU A 95 -11.65 18.40 5.48
N PRO A 1 -8.27 -16.11 1.12
CA PRO A 1 -7.37 -16.02 -0.06
C PRO A 1 -5.89 -15.98 0.34
N ALA A 2 -5.04 -16.53 -0.47
CA ALA A 2 -3.59 -16.57 -0.13
C ALA A 2 -3.03 -15.15 0.02
N ILE A 3 -2.09 -15.00 0.92
CA ILE A 3 -1.46 -13.66 1.17
C ILE A 3 0.01 -13.75 0.73
N GLU A 4 0.52 -12.75 0.07
CA GLU A 4 1.96 -12.76 -0.30
C GLU A 4 2.35 -11.35 -0.77
N VAL A 5 3.56 -11.17 -1.19
CA VAL A 5 4.02 -9.85 -1.70
C VAL A 5 3.19 -9.51 -2.93
N GLY A 6 3.04 -8.27 -3.26
CA GLY A 6 2.26 -7.92 -4.47
C GLY A 6 0.78 -7.67 -4.15
N ARG A 7 0.46 -7.30 -2.93
CA ARG A 7 -0.98 -7.07 -2.57
C ARG A 7 -1.18 -5.66 -2.02
N ILE A 8 -2.42 -5.26 -1.83
CA ILE A 8 -2.72 -3.87 -1.38
C ILE A 8 -3.03 -3.87 0.11
N CYS A 9 -2.56 -2.87 0.80
CA CYS A 9 -2.71 -2.79 2.28
C CYS A 9 -3.53 -1.59 2.71
N VAL A 10 -4.10 -1.72 3.86
CA VAL A 10 -4.94 -0.62 4.47
C VAL A 10 -4.28 -0.27 5.81
N LYS A 11 -4.13 0.96 6.23
CA LYS A 11 -3.38 1.16 7.51
C LYS A 11 -4.30 0.92 8.72
N VAL A 12 -3.84 0.20 9.72
CA VAL A 12 -4.70 0.01 10.93
C VAL A 12 -4.09 0.79 12.10
N LYS A 13 -4.36 2.05 12.15
CA LYS A 13 -3.89 2.93 13.26
C LYS A 13 -4.86 4.11 13.32
N GLY A 14 -4.90 4.88 14.36
CA GLY A 14 -5.86 6.01 14.32
C GLY A 14 -5.18 7.16 13.56
N ARG A 15 -5.93 8.15 13.17
CA ARG A 15 -5.37 9.25 12.32
C ARG A 15 -4.73 8.61 11.06
N GLU A 16 -4.97 9.16 9.90
CA GLU A 16 -4.42 8.54 8.64
C GLU A 16 -4.75 7.04 8.70
N ALA A 17 -5.72 6.73 9.50
CA ALA A 17 -6.10 5.30 9.70
C ALA A 17 -6.44 4.69 8.34
N GLY A 18 -7.21 5.37 7.57
CA GLY A 18 -7.63 4.81 6.26
C GLY A 18 -6.69 5.28 5.15
N SER A 19 -5.83 4.40 4.73
CA SER A 19 -4.92 4.72 3.61
C SER A 19 -4.68 3.44 2.85
N LYS A 20 -4.73 3.46 1.56
CA LYS A 20 -4.47 2.20 0.83
C LYS A 20 -2.98 2.16 0.49
N CYS A 21 -2.37 1.03 0.60
CA CYS A 21 -0.92 0.92 0.33
C CYS A 21 -0.62 -0.23 -0.62
N VAL A 22 0.29 -0.06 -1.55
CA VAL A 22 0.64 -1.17 -2.46
C VAL A 22 1.98 -1.68 -1.93
N ILE A 23 2.15 -2.98 -1.83
CA ILE A 23 3.41 -3.51 -1.23
C ILE A 23 4.35 -4.02 -2.31
N VAL A 24 5.60 -3.63 -2.25
CA VAL A 24 6.57 -4.18 -3.23
C VAL A 24 8.01 -4.24 -2.65
N ASP A 25 8.28 -5.14 -1.74
CA ASP A 25 9.69 -5.33 -1.26
C ASP A 25 9.73 -6.24 -0.04
N ILE A 26 10.77 -7.02 0.11
CA ILE A 26 10.97 -7.79 1.37
C ILE A 26 12.32 -7.29 1.91
N ILE A 27 12.44 -6.86 3.15
CA ILE A 27 13.78 -6.34 3.59
C ILE A 27 14.54 -7.40 4.40
N ASP A 28 14.61 -7.24 5.71
CA ASP A 28 15.29 -8.26 6.54
C ASP A 28 14.54 -9.59 6.43
N ASP A 29 13.22 -9.50 6.49
CA ASP A 29 12.32 -10.67 6.38
C ASP A 29 10.91 -10.27 6.89
N ASN A 30 10.82 -9.59 8.01
CA ASN A 30 9.49 -9.17 8.55
C ASN A 30 9.15 -7.72 8.15
N PHE A 31 9.96 -7.10 7.35
CA PHE A 31 9.70 -5.68 6.92
C PHE A 31 9.38 -5.65 5.43
N VAL A 32 8.44 -4.83 5.04
CA VAL A 32 8.05 -4.72 3.60
C VAL A 32 8.04 -3.25 3.16
N LEU A 33 8.10 -3.00 1.86
CA LEU A 33 8.03 -1.57 1.38
C LEU A 33 6.61 -1.28 0.88
N VAL A 34 6.01 -0.18 1.28
CA VAL A 34 4.62 0.11 0.80
C VAL A 34 4.55 1.52 0.20
N THR A 35 3.66 1.75 -0.74
CA THR A 35 3.51 3.12 -1.32
C THR A 35 2.05 3.41 -1.70
N GLY A 36 1.66 4.66 -1.68
CA GLY A 36 0.26 5.02 -2.08
C GLY A 36 0.19 6.53 -2.33
N PRO A 37 -0.69 7.02 -3.14
CA PRO A 37 -0.80 8.48 -3.32
C PRO A 37 -1.03 9.17 -1.98
N LYS A 38 -0.07 9.86 -1.47
CA LYS A 38 -0.25 10.57 -0.18
C LYS A 38 -1.43 11.51 -0.27
N ASP A 39 -1.60 12.08 -1.40
CA ASP A 39 -2.67 13.09 -1.53
C ASP A 39 -4.00 12.47 -1.13
N ILE A 40 -4.24 11.23 -1.47
CA ILE A 40 -5.53 10.60 -1.06
C ILE A 40 -5.30 9.46 -0.07
N THR A 41 -4.27 8.68 -0.27
CA THR A 41 -4.04 7.56 0.68
C THR A 41 -3.33 8.09 1.94
N GLY A 42 -2.50 9.06 1.76
CA GLY A 42 -1.77 9.67 2.91
C GLY A 42 -0.36 9.05 3.08
N VAL A 43 -0.06 7.95 2.42
CA VAL A 43 1.30 7.33 2.57
C VAL A 43 2.17 7.65 1.35
N LYS A 44 3.39 8.07 1.51
CA LYS A 44 4.21 8.31 0.27
C LYS A 44 4.84 6.98 -0.12
N ARG A 45 5.87 6.65 0.60
CA ARG A 45 6.58 5.37 0.45
C ARG A 45 7.14 5.08 1.84
N ARG A 46 6.87 3.97 2.44
CA ARG A 46 7.42 3.75 3.80
C ARG A 46 7.52 2.25 4.08
N ARG A 47 8.22 1.87 5.11
CA ARG A 47 8.39 0.42 5.39
C ARG A 47 7.60 0.08 6.67
N VAL A 48 6.97 -1.09 6.69
CA VAL A 48 6.17 -1.48 7.89
C VAL A 48 6.48 -2.92 8.29
N ASN A 49 6.52 -3.21 9.57
CA ASN A 49 6.81 -4.60 10.02
C ASN A 49 5.52 -5.42 10.09
N ILE A 50 5.66 -6.72 10.24
CA ILE A 50 4.48 -7.65 10.34
C ILE A 50 3.59 -7.27 11.53
N LEU A 51 4.14 -6.67 12.55
CA LEU A 51 3.35 -6.35 13.77
C LEU A 51 2.11 -5.53 13.40
N HIS A 52 2.19 -4.68 12.39
CA HIS A 52 0.96 -3.95 11.97
C HIS A 52 0.71 -4.29 10.50
N LEU A 53 -0.05 -5.33 10.26
CA LEU A 53 -0.36 -5.75 8.87
C LEU A 53 -1.87 -5.68 8.60
N GLU A 54 -2.25 -5.08 7.53
CA GLU A 54 -3.69 -5.05 7.14
C GLU A 54 -3.70 -5.49 5.66
N PRO A 55 -3.80 -6.75 5.38
CA PRO A 55 -3.72 -7.25 3.99
C PRO A 55 -5.06 -7.28 3.27
N THR A 56 -5.01 -7.10 1.98
CA THR A 56 -6.24 -7.13 1.15
C THR A 56 -6.20 -8.40 0.30
N ASP A 57 -7.30 -8.76 -0.28
CA ASP A 57 -7.35 -10.01 -1.08
C ASP A 57 -6.83 -9.76 -2.49
N LYS A 58 -6.18 -8.65 -2.69
CA LYS A 58 -5.66 -8.34 -4.03
C LYS A 58 -4.24 -8.86 -4.16
N LYS A 59 -3.98 -9.65 -5.16
CA LYS A 59 -2.61 -10.20 -5.34
C LYS A 59 -2.17 -10.09 -6.80
N ILE A 60 -1.08 -9.41 -7.03
CA ILE A 60 -0.54 -9.25 -8.40
C ILE A 60 0.95 -9.59 -8.38
N ASP A 61 1.50 -10.03 -9.46
CA ASP A 61 2.94 -10.41 -9.44
C ASP A 61 3.83 -9.16 -9.63
N ILE A 62 4.82 -9.06 -8.79
CA ILE A 62 5.74 -7.87 -8.80
C ILE A 62 7.21 -8.29 -8.95
N GLN A 63 8.08 -7.39 -9.39
CA GLN A 63 9.50 -7.82 -9.52
C GLN A 63 10.06 -8.15 -8.12
N LYS A 64 9.88 -7.27 -7.12
CA LYS A 64 10.40 -7.53 -5.72
C LYS A 64 11.71 -6.75 -5.47
N GLY A 65 11.66 -5.59 -4.83
CA GLY A 65 12.93 -4.84 -4.55
C GLY A 65 13.25 -3.81 -5.65
N ALA A 66 12.36 -3.63 -6.59
CA ALA A 66 12.62 -2.67 -7.72
C ALA A 66 12.93 -1.23 -7.23
N SER A 67 13.68 -0.47 -8.01
CA SER A 67 14.03 0.95 -7.65
C SER A 67 12.74 1.77 -7.59
N ASP A 68 12.75 2.98 -7.05
CA ASP A 68 11.46 3.72 -6.98
C ASP A 68 10.82 3.91 -8.34
N GLU A 69 11.54 4.32 -9.36
CA GLU A 69 10.83 4.53 -10.63
C GLU A 69 10.23 3.21 -11.05
N GLU A 70 10.97 2.16 -10.86
CA GLU A 70 10.43 0.83 -11.22
C GLU A 70 9.24 0.54 -10.31
N VAL A 71 9.32 0.98 -9.07
CA VAL A 71 8.17 0.77 -8.15
C VAL A 71 6.97 1.55 -8.64
N LYS A 72 7.18 2.77 -9.08
CA LYS A 72 6.03 3.56 -9.56
C LYS A 72 5.42 2.79 -10.74
N LYS A 73 6.25 2.27 -11.59
CA LYS A 73 5.71 1.50 -12.73
C LYS A 73 4.87 0.36 -12.18
N LYS A 74 5.38 -0.31 -11.17
CA LYS A 74 4.59 -1.40 -10.55
C LYS A 74 3.30 -0.86 -9.94
N LEU A 75 3.29 0.35 -9.43
CA LEU A 75 2.03 0.87 -8.83
C LEU A 75 0.94 0.79 -9.88
N GLU A 76 1.26 1.13 -11.07
CA GLU A 76 0.24 1.07 -12.14
C GLU A 76 -0.24 -0.36 -12.29
N GLU A 77 0.61 -1.33 -12.09
CA GLU A 77 0.09 -2.72 -12.24
C GLU A 77 -1.02 -2.84 -11.22
N SER A 78 -0.81 -2.24 -10.08
CA SER A 78 -1.86 -2.21 -9.05
C SER A 78 -2.97 -1.30 -9.57
N ASN A 79 -2.60 -0.35 -10.39
CA ASN A 79 -3.56 0.66 -10.91
C ASN A 79 -4.11 1.37 -9.69
N LEU A 80 -3.25 1.59 -8.74
CA LEU A 80 -3.68 2.25 -7.48
C LEU A 80 -3.38 3.74 -7.52
N THR A 81 -2.62 4.22 -8.46
CA THR A 81 -2.31 5.67 -8.47
C THR A 81 -3.58 6.47 -8.51
N GLU A 82 -4.53 6.03 -9.26
CA GLU A 82 -5.75 6.84 -9.42
C GLU A 82 -6.95 6.01 -9.81
N TYR A 83 -6.82 4.77 -10.19
CA TYR A 83 -8.10 4.09 -10.52
C TYR A 83 -8.94 4.17 -9.25
N MET A 84 -8.34 3.84 -8.14
CA MET A 84 -9.08 3.83 -6.86
C MET A 84 -9.00 5.20 -6.14
N LYS A 85 -8.30 5.23 -5.03
CA LYS A 85 -8.23 6.46 -4.18
C LYS A 85 -9.65 6.79 -3.72
N GLU A 86 -10.42 5.78 -3.43
CA GLU A 86 -11.82 6.02 -2.98
C GLU A 86 -11.85 6.70 -1.60
N LYS A 87 -10.94 6.31 -0.72
CA LYS A 87 -10.92 6.79 0.70
C LYS A 87 -11.88 5.87 1.46
N ILE A 88 -11.46 5.26 2.54
CA ILE A 88 -12.40 4.32 3.21
C ILE A 88 -13.62 5.09 3.67
N LYS A 89 -13.50 6.36 3.97
CA LYS A 89 -14.71 7.16 4.33
C LYS A 89 -15.10 7.97 3.09
N ILE A 90 -16.31 7.88 2.61
CA ILE A 90 -16.70 8.65 1.38
C ILE A 90 -17.80 9.65 1.69
N ARG A 91 -17.66 10.88 1.27
CA ARG A 91 -18.68 11.92 1.57
C ARG A 91 -20.01 11.48 0.96
N MET A 92 -21.08 11.92 1.55
CA MET A 92 -22.43 11.51 1.10
C MET A 92 -22.67 11.85 -0.39
N PRO A 93 -22.39 13.06 -0.85
CA PRO A 93 -22.64 13.41 -2.27
C PRO A 93 -21.48 13.08 -3.21
N THR A 94 -20.41 13.82 -3.16
CA THR A 94 -19.25 13.56 -4.06
C THR A 94 -17.94 13.81 -3.32
N LEU A 95 -16.87 13.29 -3.83
CA LEU A 95 -15.55 13.50 -3.18
C LEU A 95 -14.90 14.77 -3.78
N PRO A 1 -2.40 -20.29 0.94
CA PRO A 1 -1.72 -19.38 -0.03
C PRO A 1 -0.20 -19.38 0.16
N ALA A 2 0.23 -19.82 1.31
CA ALA A 2 1.69 -19.88 1.60
C ALA A 2 2.25 -18.45 1.59
N ILE A 3 2.93 -18.07 0.52
CA ILE A 3 3.50 -16.69 0.43
C ILE A 3 2.84 -15.97 -0.75
N GLU A 4 2.46 -14.73 -0.57
CA GLU A 4 1.90 -13.94 -1.72
C GLU A 4 2.61 -12.59 -1.74
N VAL A 5 2.80 -12.01 -2.89
CA VAL A 5 3.50 -10.71 -3.03
C VAL A 5 2.65 -9.89 -4.01
N GLY A 6 2.67 -8.57 -3.99
CA GLY A 6 1.80 -7.84 -4.97
C GLY A 6 0.46 -7.61 -4.29
N ARG A 7 0.41 -7.91 -3.03
CA ARG A 7 -0.82 -7.72 -2.24
C ARG A 7 -1.12 -6.24 -2.11
N ILE A 8 -2.35 -5.91 -1.85
CA ILE A 8 -2.72 -4.49 -1.62
C ILE A 8 -2.99 -4.38 -0.13
N CYS A 9 -2.49 -3.37 0.53
CA CYS A 9 -2.64 -3.28 2.02
C CYS A 9 -3.22 -1.95 2.48
N VAL A 10 -3.82 -1.96 3.63
CA VAL A 10 -4.43 -0.71 4.22
C VAL A 10 -3.88 -0.49 5.64
N LYS A 11 -3.53 0.70 6.06
CA LYS A 11 -3.01 0.84 7.46
C LYS A 11 -4.18 1.00 8.43
N VAL A 12 -4.20 0.25 9.52
CA VAL A 12 -5.34 0.44 10.48
C VAL A 12 -4.87 0.82 11.89
N LYS A 13 -5.36 1.92 12.34
CA LYS A 13 -5.10 2.43 13.72
C LYS A 13 -6.35 3.16 14.18
N GLY A 14 -6.64 3.26 15.44
CA GLY A 14 -7.86 4.01 15.82
C GLY A 14 -7.47 5.48 15.95
N ARG A 15 -7.82 6.24 14.92
CA ARG A 15 -7.51 7.71 14.81
C ARG A 15 -6.63 7.88 13.55
N GLU A 16 -7.05 8.74 12.65
CA GLU A 16 -6.36 8.93 11.32
C GLU A 16 -6.66 7.71 10.46
N ALA A 17 -5.87 6.67 10.59
CA ALA A 17 -6.07 5.41 9.79
C ALA A 17 -7.14 5.58 8.71
N GLY A 18 -6.72 5.52 7.49
CA GLY A 18 -7.63 5.53 6.34
C GLY A 18 -6.69 5.64 5.15
N SER A 19 -6.11 4.56 4.72
CA SER A 19 -5.21 4.68 3.55
C SER A 19 -4.95 3.32 2.93
N LYS A 20 -4.72 3.28 1.65
CA LYS A 20 -4.45 2.01 0.94
C LYS A 20 -3.03 2.00 0.41
N CYS A 21 -2.42 0.86 0.35
CA CYS A 21 -1.03 0.78 -0.19
C CYS A 21 -0.85 -0.49 -0.99
N VAL A 22 0.15 -0.51 -1.83
CA VAL A 22 0.45 -1.71 -2.63
C VAL A 22 1.67 -2.36 -1.96
N ILE A 23 1.65 -3.66 -1.79
CA ILE A 23 2.81 -4.30 -1.09
C ILE A 23 3.87 -4.79 -2.07
N VAL A 24 5.06 -4.38 -1.78
CA VAL A 24 6.29 -4.61 -2.56
C VAL A 24 7.14 -5.68 -1.85
N ASP A 25 8.42 -5.59 -2.04
CA ASP A 25 9.39 -6.62 -1.58
C ASP A 25 9.45 -6.63 -0.06
N ILE A 26 9.99 -7.69 0.49
CA ILE A 26 10.04 -7.79 1.97
C ILE A 26 11.48 -7.75 2.45
N ILE A 27 11.74 -6.83 3.36
CA ILE A 27 13.09 -6.65 3.93
C ILE A 27 13.41 -7.76 4.91
N ASP A 28 12.43 -8.17 5.65
CA ASP A 28 12.65 -9.22 6.66
C ASP A 28 11.30 -9.84 7.01
N ASP A 29 11.33 -10.93 7.70
CA ASP A 29 10.05 -11.58 8.08
C ASP A 29 9.21 -10.56 8.86
N ASN A 30 9.83 -9.76 9.70
CA ASN A 30 9.10 -8.74 10.48
C ASN A 30 8.79 -7.48 9.67
N PHE A 31 9.64 -7.11 8.72
CA PHE A 31 9.43 -5.85 7.95
C PHE A 31 9.12 -6.11 6.49
N VAL A 32 8.24 -5.31 5.92
CA VAL A 32 7.87 -5.46 4.48
C VAL A 32 8.07 -4.12 3.75
N LEU A 33 8.25 -4.13 2.44
CA LEU A 33 8.44 -2.83 1.71
C LEU A 33 7.07 -2.51 1.09
N VAL A 34 6.50 -1.33 1.33
CA VAL A 34 5.16 -1.00 0.74
C VAL A 34 5.20 0.38 0.06
N THR A 35 4.32 0.61 -0.90
CA THR A 35 4.28 1.95 -1.57
C THR A 35 2.84 2.37 -1.89
N GLY A 36 2.59 3.65 -2.00
CA GLY A 36 1.23 4.15 -2.35
C GLY A 36 1.39 5.47 -3.11
N PRO A 37 0.38 5.95 -3.80
CA PRO A 37 0.52 7.22 -4.54
C PRO A 37 0.67 8.38 -3.56
N LYS A 38 1.82 8.99 -3.51
CA LYS A 38 2.02 10.11 -2.58
C LYS A 38 1.01 11.24 -2.85
N ASP A 39 0.76 11.49 -4.10
CA ASP A 39 -0.16 12.61 -4.48
C ASP A 39 -1.59 12.43 -3.96
N ILE A 40 -2.13 11.23 -3.99
CA ILE A 40 -3.53 11.05 -3.54
C ILE A 40 -3.63 10.60 -2.08
N THR A 41 -3.36 9.35 -1.84
CA THR A 41 -3.50 8.78 -0.49
C THR A 41 -2.53 9.46 0.48
N GLY A 42 -1.37 9.83 0.01
CA GLY A 42 -0.39 10.52 0.88
C GLY A 42 0.68 9.53 1.37
N VAL A 43 0.56 8.27 1.07
CA VAL A 43 1.63 7.33 1.49
C VAL A 43 2.64 7.34 0.33
N LYS A 44 3.90 7.59 0.59
CA LYS A 44 4.88 7.61 -0.55
C LYS A 44 5.53 6.25 -0.70
N ARG A 45 6.48 6.00 0.15
CA ARG A 45 7.19 4.72 0.17
C ARG A 45 7.62 4.51 1.59
N ARG A 46 7.27 3.45 2.23
CA ARG A 46 7.74 3.31 3.61
C ARG A 46 7.80 1.84 4.01
N ARG A 47 8.51 1.57 5.06
CA ARG A 47 8.65 0.18 5.56
C ARG A 47 7.65 -0.03 6.70
N VAL A 48 6.98 -1.16 6.77
CA VAL A 48 6.04 -1.36 7.92
C VAL A 48 6.29 -2.74 8.56
N ASN A 49 6.22 -2.79 9.87
CA ASN A 49 6.45 -4.07 10.60
C ASN A 49 5.13 -4.82 10.81
N ILE A 50 5.19 -6.06 11.22
CA ILE A 50 3.96 -6.87 11.45
C ILE A 50 3.06 -6.20 12.50
N LEU A 51 3.63 -5.43 13.38
CA LEU A 51 2.82 -4.82 14.47
C LEU A 51 1.62 -4.09 13.87
N HIS A 52 1.73 -3.51 12.69
CA HIS A 52 0.52 -2.90 12.07
C HIS A 52 0.51 -3.36 10.60
N LEU A 53 -0.09 -4.48 10.34
CA LEU A 53 -0.17 -5.02 8.96
C LEU A 53 -1.64 -5.26 8.59
N GLU A 54 -2.09 -4.84 7.44
CA GLU A 54 -3.47 -5.17 7.00
C GLU A 54 -3.34 -5.63 5.54
N PRO A 55 -3.12 -6.90 5.31
CA PRO A 55 -2.92 -7.41 3.94
C PRO A 55 -4.23 -7.83 3.27
N THR A 56 -4.26 -7.84 1.97
CA THR A 56 -5.48 -8.26 1.24
C THR A 56 -5.19 -9.60 0.53
N ASP A 57 -6.21 -10.22 0.05
CA ASP A 57 -6.07 -11.55 -0.63
C ASP A 57 -5.65 -11.33 -2.08
N LYS A 58 -5.14 -10.17 -2.36
CA LYS A 58 -4.71 -9.81 -3.72
C LYS A 58 -3.25 -10.16 -3.98
N LYS A 59 -2.95 -10.64 -5.14
CA LYS A 59 -1.54 -10.98 -5.47
C LYS A 59 -1.22 -10.51 -6.89
N ILE A 60 -0.22 -9.68 -7.04
CA ILE A 60 0.20 -9.16 -8.36
C ILE A 60 1.65 -9.57 -8.62
N ASP A 61 2.03 -9.85 -9.83
CA ASP A 61 3.45 -10.26 -10.06
C ASP A 61 4.35 -9.01 -10.26
N ILE A 62 5.40 -8.97 -9.46
CA ILE A 62 6.36 -7.81 -9.50
C ILE A 62 7.81 -8.29 -9.67
N GLN A 63 8.71 -7.41 -10.03
CA GLN A 63 10.14 -7.82 -10.19
C GLN A 63 10.85 -7.79 -8.83
N LYS A 64 10.13 -7.46 -7.78
CA LYS A 64 10.73 -7.42 -6.40
C LYS A 64 12.00 -6.56 -6.35
N GLY A 65 12.02 -5.58 -5.47
CA GLY A 65 13.24 -4.73 -5.37
C GLY A 65 13.21 -3.61 -6.40
N ALA A 66 12.07 -3.37 -7.00
CA ALA A 66 12.01 -2.32 -8.07
C ALA A 66 12.56 -0.97 -7.57
N SER A 67 13.17 -0.22 -8.47
CA SER A 67 13.71 1.12 -8.11
C SER A 67 12.54 2.04 -7.81
N ASP A 68 12.74 3.16 -7.19
CA ASP A 68 11.59 4.05 -6.89
C ASP A 68 10.89 4.47 -8.17
N GLU A 69 11.61 4.92 -9.17
CA GLU A 69 10.90 5.31 -10.41
C GLU A 69 10.21 4.07 -10.92
N GLU A 70 10.87 2.97 -10.82
CA GLU A 70 10.28 1.69 -11.22
C GLU A 70 9.08 1.39 -10.32
N VAL A 71 9.19 1.69 -9.05
CA VAL A 71 8.05 1.44 -8.11
C VAL A 71 6.87 2.32 -8.49
N LYS A 72 7.14 3.54 -8.85
CA LYS A 72 6.02 4.42 -9.22
C LYS A 72 5.28 3.85 -10.45
N LYS A 73 6.02 3.36 -11.43
CA LYS A 73 5.35 2.79 -12.65
C LYS A 73 4.48 1.57 -12.34
N LYS A 74 4.93 0.67 -11.50
CA LYS A 74 4.10 -0.54 -11.18
C LYS A 74 2.89 -0.10 -10.37
N LEU A 75 3.01 0.97 -9.65
CA LEU A 75 1.86 1.43 -8.83
C LEU A 75 0.65 1.59 -9.73
N GLU A 76 0.85 2.09 -10.89
CA GLU A 76 -0.30 2.27 -11.82
C GLU A 76 -0.96 0.93 -12.06
N GLU A 77 -0.23 -0.13 -12.01
CA GLU A 77 -0.83 -1.46 -12.27
C GLU A 77 -2.06 -1.67 -11.37
N SER A 78 -2.09 -1.14 -10.16
CA SER A 78 -3.26 -1.44 -9.28
C SER A 78 -4.49 -0.60 -9.68
N ASN A 79 -4.37 0.17 -10.73
CA ASN A 79 -5.52 1.03 -11.24
C ASN A 79 -5.92 2.12 -10.25
N LEU A 80 -4.95 2.77 -9.71
CA LEU A 80 -5.20 3.89 -8.76
C LEU A 80 -5.88 5.05 -9.48
N THR A 81 -5.69 5.17 -10.77
CA THR A 81 -6.22 6.35 -11.50
C THR A 81 -7.64 6.69 -11.02
N GLU A 82 -8.47 5.75 -10.72
CA GLU A 82 -9.82 6.16 -10.26
C GLU A 82 -10.51 5.01 -9.52
N TYR A 83 -10.09 3.79 -9.70
CA TYR A 83 -10.80 2.69 -8.98
C TYR A 83 -10.70 2.95 -7.48
N MET A 84 -9.52 3.32 -7.11
CA MET A 84 -9.20 3.54 -5.70
C MET A 84 -9.33 5.01 -5.30
N LYS A 85 -8.28 5.57 -4.78
CA LYS A 85 -8.27 6.99 -4.35
C LYS A 85 -9.38 7.30 -3.33
N GLU A 86 -9.80 6.37 -2.52
CA GLU A 86 -10.87 6.70 -1.54
C GLU A 86 -10.73 5.86 -0.26
N LYS A 87 -10.81 4.57 -0.35
CA LYS A 87 -10.75 3.69 0.85
C LYS A 87 -11.64 4.24 1.97
N ILE A 88 -11.11 4.49 3.13
CA ILE A 88 -11.95 4.99 4.25
C ILE A 88 -11.43 6.34 4.72
N LYS A 89 -12.33 7.27 4.84
CA LYS A 89 -11.96 8.63 5.33
C LYS A 89 -12.89 9.10 6.44
N ILE A 90 -12.34 9.89 7.32
CA ILE A 90 -13.11 10.43 8.47
C ILE A 90 -13.35 11.92 8.22
N ARG A 91 -14.51 12.42 8.59
CA ARG A 91 -14.79 13.87 8.40
C ARG A 91 -15.25 14.50 9.71
N MET A 92 -14.77 15.67 9.98
CA MET A 92 -15.18 16.41 11.19
C MET A 92 -14.70 17.86 11.02
N PRO A 93 -13.44 18.06 10.68
CA PRO A 93 -12.90 19.42 10.45
C PRO A 93 -13.63 20.16 9.33
N THR A 94 -14.16 19.43 8.37
CA THR A 94 -14.93 20.10 7.27
C THR A 94 -16.19 20.71 7.87
N LEU A 95 -16.78 20.00 8.79
CA LEU A 95 -18.03 20.51 9.43
C LEU A 95 -17.68 21.20 10.75
N PRO A 1 -4.97 -14.01 0.92
CA PRO A 1 -4.29 -13.53 2.15
C PRO A 1 -3.09 -14.41 2.52
N ALA A 2 -3.06 -15.62 2.02
CA ALA A 2 -1.92 -16.53 2.32
C ALA A 2 -0.62 -15.93 1.76
N ILE A 3 -0.73 -15.15 0.71
CA ILE A 3 0.51 -14.57 0.09
C ILE A 3 0.62 -13.06 0.30
N GLU A 4 1.80 -12.65 0.63
CA GLU A 4 2.11 -11.20 0.86
C GLU A 4 3.03 -10.67 -0.23
N VAL A 5 2.97 -9.38 -0.53
CA VAL A 5 3.87 -8.74 -1.56
C VAL A 5 3.18 -8.68 -2.95
N GLY A 6 3.13 -7.52 -3.55
CA GLY A 6 2.50 -7.39 -4.91
C GLY A 6 0.99 -7.24 -4.79
N ARG A 7 0.53 -6.70 -3.71
CA ARG A 7 -0.95 -6.59 -3.51
C ARG A 7 -1.26 -5.34 -2.67
N ILE A 8 -2.51 -5.10 -2.35
CA ILE A 8 -2.87 -3.88 -1.56
C ILE A 8 -3.08 -4.13 -0.08
N CYS A 9 -2.59 -3.17 0.66
CA CYS A 9 -2.66 -3.19 2.13
C CYS A 9 -3.42 -1.94 2.61
N VAL A 10 -3.98 -2.01 3.78
CA VAL A 10 -4.73 -0.82 4.35
C VAL A 10 -4.14 -0.49 5.73
N LYS A 11 -3.90 0.74 6.08
CA LYS A 11 -3.29 0.97 7.42
C LYS A 11 -4.36 1.16 8.48
N VAL A 12 -4.33 0.40 9.55
CA VAL A 12 -5.35 0.61 10.62
C VAL A 12 -4.66 1.05 11.91
N LYS A 13 -5.08 2.18 12.41
CA LYS A 13 -4.56 2.71 13.69
C LYS A 13 -5.69 3.45 14.38
N GLY A 14 -5.68 3.62 15.67
CA GLY A 14 -6.78 4.41 16.27
C GLY A 14 -6.30 5.85 16.14
N ARG A 15 -7.08 6.85 16.53
CA ARG A 15 -6.63 8.28 16.37
C ARG A 15 -5.64 8.37 15.19
N GLU A 16 -6.16 8.64 14.00
CA GLU A 16 -5.32 8.70 12.75
C GLU A 16 -5.37 7.30 12.12
N ALA A 17 -5.62 7.23 10.83
CA ALA A 17 -5.70 5.90 10.15
C ALA A 17 -6.53 6.01 8.88
N GLY A 18 -5.91 6.01 7.75
CA GLY A 18 -6.72 5.95 6.50
C GLY A 18 -5.81 6.05 5.28
N SER A 19 -5.12 5.00 4.93
CA SER A 19 -4.33 5.08 3.68
C SER A 19 -4.11 3.68 3.11
N LYS A 20 -4.26 3.52 1.83
CA LYS A 20 -4.01 2.19 1.22
C LYS A 20 -2.61 2.18 0.63
N CYS A 21 -1.96 1.07 0.68
CA CYS A 21 -0.58 0.99 0.14
C CYS A 21 -0.41 -0.27 -0.70
N VAL A 22 0.61 -0.30 -1.51
CA VAL A 22 0.91 -1.51 -2.32
C VAL A 22 2.24 -2.04 -1.78
N ILE A 23 2.38 -3.33 -1.55
CA ILE A 23 3.66 -3.83 -0.96
C ILE A 23 4.59 -4.35 -2.07
N VAL A 24 5.86 -3.96 -2.06
CA VAL A 24 6.80 -4.49 -3.11
C VAL A 24 8.21 -4.71 -2.53
N ASP A 25 8.39 -5.69 -1.67
CA ASP A 25 9.77 -6.04 -1.19
C ASP A 25 9.68 -6.93 0.04
N ILE A 26 10.60 -7.83 0.23
CA ILE A 26 10.65 -8.56 1.53
C ILE A 26 11.99 -8.15 2.13
N ILE A 27 12.01 -7.45 3.23
CA ILE A 27 13.30 -7.00 3.81
C ILE A 27 13.78 -7.94 4.90
N ASP A 28 13.23 -7.75 6.06
CA ASP A 28 13.58 -8.56 7.24
C ASP A 28 12.41 -9.48 7.58
N ASP A 29 12.63 -10.36 8.48
CA ASP A 29 11.55 -11.29 8.83
C ASP A 29 10.29 -10.49 9.24
N ASN A 30 10.42 -9.41 9.97
CA ASN A 30 9.19 -8.63 10.35
C ASN A 30 9.00 -7.35 9.51
N PHE A 31 9.86 -7.00 8.58
CA PHE A 31 9.65 -5.73 7.80
C PHE A 31 9.48 -5.93 6.29
N VAL A 32 8.58 -5.16 5.72
CA VAL A 32 8.32 -5.22 4.25
C VAL A 32 8.37 -3.79 3.69
N LEU A 33 8.55 -3.62 2.40
CA LEU A 33 8.59 -2.22 1.82
C LEU A 33 7.21 -1.92 1.23
N VAL A 34 6.67 -0.74 1.48
CA VAL A 34 5.33 -0.42 0.91
C VAL A 34 5.33 0.91 0.14
N THR A 35 4.47 1.00 -0.86
CA THR A 35 4.39 2.26 -1.65
C THR A 35 2.94 2.58 -2.06
N GLY A 36 2.65 3.83 -2.29
CA GLY A 36 1.26 4.23 -2.76
C GLY A 36 1.38 5.54 -3.53
N PRO A 37 0.36 5.95 -4.24
CA PRO A 37 0.44 7.20 -5.03
C PRO A 37 0.73 8.38 -4.10
N LYS A 38 1.77 9.11 -4.38
CA LYS A 38 2.12 10.26 -3.51
C LYS A 38 0.99 11.29 -3.46
N ASP A 39 0.43 11.56 -4.61
CA ASP A 39 -0.63 12.60 -4.73
C ASP A 39 -1.92 12.23 -3.99
N ILE A 40 -2.31 11.00 -4.08
CA ILE A 40 -3.61 10.61 -3.47
C ILE A 40 -3.45 10.02 -2.07
N THR A 41 -3.03 8.80 -1.95
CA THR A 41 -2.92 8.19 -0.59
C THR A 41 -1.97 9.02 0.25
N GLY A 42 -0.93 9.52 -0.36
CA GLY A 42 0.03 10.36 0.37
C GLY A 42 1.22 9.53 0.80
N VAL A 43 1.20 8.23 0.62
CA VAL A 43 2.37 7.43 1.05
C VAL A 43 3.31 7.33 -0.13
N LYS A 44 4.57 7.59 0.06
CA LYS A 44 5.51 7.52 -1.08
C LYS A 44 6.05 6.11 -1.19
N ARG A 45 7.00 5.82 -0.35
CA ARG A 45 7.60 4.48 -0.26
C ARG A 45 8.07 4.34 1.17
N ARG A 46 7.68 3.36 1.92
CA ARG A 46 8.22 3.30 3.29
C ARG A 46 8.11 1.87 3.84
N ARG A 47 8.77 1.59 4.93
CA ARG A 47 8.72 0.21 5.50
C ARG A 47 7.67 0.10 6.62
N VAL A 48 7.00 -1.03 6.69
CA VAL A 48 5.97 -1.26 7.75
C VAL A 48 6.21 -2.64 8.37
N ASN A 49 6.02 -2.78 9.66
CA ASN A 49 6.25 -4.09 10.32
C ASN A 49 4.96 -4.95 10.38
N ILE A 50 5.11 -6.22 10.63
CA ILE A 50 3.96 -7.18 10.73
C ILE A 50 2.99 -6.78 11.85
N LEU A 51 3.45 -6.05 12.83
CA LEU A 51 2.58 -5.66 13.99
C LEU A 51 1.34 -4.97 13.46
N HIS A 52 1.43 -4.25 12.37
CA HIS A 52 0.21 -3.65 11.77
C HIS A 52 0.06 -4.28 10.38
N LEU A 53 -0.68 -5.35 10.30
CA LEU A 53 -0.88 -6.05 9.00
C LEU A 53 -2.35 -5.93 8.56
N GLU A 54 -2.59 -5.52 7.35
CA GLU A 54 -4.01 -5.41 6.83
C GLU A 54 -4.00 -5.87 5.37
N PRO A 55 -4.28 -7.12 5.08
CA PRO A 55 -4.21 -7.63 3.68
C PRO A 55 -5.54 -7.57 2.93
N THR A 56 -5.47 -7.36 1.63
CA THR A 56 -6.70 -7.34 0.79
C THR A 56 -6.57 -8.44 -0.26
N ASP A 57 -7.65 -8.86 -0.87
CA ASP A 57 -7.50 -9.90 -1.92
C ASP A 57 -7.02 -9.20 -3.17
N LYS A 58 -6.05 -9.74 -3.86
CA LYS A 58 -5.60 -9.02 -5.06
C LYS A 58 -4.62 -9.91 -5.85
N LYS A 59 -4.06 -9.36 -6.88
CA LYS A 59 -3.07 -10.03 -7.76
C LYS A 59 -1.71 -9.91 -7.09
N ILE A 60 -0.80 -10.83 -7.36
CA ILE A 60 0.56 -10.71 -6.72
C ILE A 60 1.74 -11.03 -7.66
N ASP A 61 2.16 -10.07 -8.44
CA ASP A 61 3.32 -10.32 -9.35
C ASP A 61 4.17 -9.07 -9.57
N ILE A 62 5.19 -8.89 -8.75
CA ILE A 62 6.11 -7.72 -8.93
C ILE A 62 7.55 -8.20 -8.91
N GLN A 63 8.45 -7.39 -9.38
CA GLN A 63 9.86 -7.81 -9.31
C GLN A 63 10.26 -7.68 -7.83
N LYS A 64 11.23 -6.89 -7.51
CA LYS A 64 11.62 -6.72 -6.07
C LYS A 64 12.68 -5.62 -5.97
N GLY A 65 12.54 -4.67 -5.08
CA GLY A 65 13.61 -3.63 -4.99
C GLY A 65 13.41 -2.57 -6.07
N ALA A 66 12.24 -2.47 -6.65
CA ALA A 66 12.05 -1.47 -7.74
C ALA A 66 12.44 -0.04 -7.27
N SER A 67 13.00 0.75 -8.18
CA SER A 67 13.39 2.19 -7.86
C SER A 67 12.10 2.97 -7.66
N ASP A 68 12.10 4.19 -7.17
CA ASP A 68 10.78 4.85 -7.01
C ASP A 68 10.06 4.96 -8.34
N GLU A 69 10.71 5.41 -9.40
CA GLU A 69 9.94 5.52 -10.65
C GLU A 69 9.51 4.12 -11.07
N GLU A 70 10.40 3.18 -10.93
CA GLU A 70 10.04 1.78 -11.27
C GLU A 70 8.96 1.31 -10.32
N VAL A 71 9.01 1.74 -9.08
CA VAL A 71 7.96 1.34 -8.10
C VAL A 71 6.63 1.89 -8.57
N LYS A 72 6.63 3.09 -9.07
CA LYS A 72 5.36 3.66 -9.55
C LYS A 72 4.79 2.77 -10.65
N LYS A 73 5.61 2.25 -11.53
CA LYS A 73 5.03 1.39 -12.58
C LYS A 73 4.36 0.18 -11.92
N LYS A 74 4.99 -0.41 -10.93
CA LYS A 74 4.34 -1.55 -10.21
C LYS A 74 3.09 -1.06 -9.51
N LEU A 75 3.10 0.14 -9.03
CA LEU A 75 1.93 0.66 -8.28
C LEU A 75 0.68 0.60 -9.16
N GLU A 76 0.79 0.98 -10.40
CA GLU A 76 -0.41 0.98 -11.29
C GLU A 76 -0.96 -0.45 -11.35
N GLU A 77 -0.10 -1.41 -11.24
CA GLU A 77 -0.58 -2.81 -11.27
C GLU A 77 -1.68 -2.91 -10.22
N SER A 78 -1.56 -2.16 -9.17
CA SER A 78 -2.56 -2.20 -8.07
C SER A 78 -3.96 -1.75 -8.54
N ASN A 79 -4.07 -1.06 -9.68
CA ASN A 79 -5.43 -0.59 -10.19
C ASN A 79 -5.99 0.52 -9.30
N LEU A 80 -5.14 1.48 -9.07
CA LEU A 80 -5.45 2.67 -8.23
C LEU A 80 -6.57 3.53 -8.82
N THR A 81 -6.73 3.56 -10.12
CA THR A 81 -7.71 4.52 -10.72
C THR A 81 -9.03 4.61 -9.94
N GLU A 82 -9.55 3.56 -9.38
CA GLU A 82 -10.84 3.73 -8.65
C GLU A 82 -10.98 2.65 -7.58
N TYR A 83 -10.25 1.59 -7.70
CA TYR A 83 -10.31 0.53 -6.66
C TYR A 83 -9.88 1.15 -5.33
N MET A 84 -8.90 2.00 -5.42
CA MET A 84 -8.30 2.63 -4.23
C MET A 84 -8.78 4.09 -4.06
N LYS A 85 -7.83 4.98 -3.96
CA LYS A 85 -8.04 6.46 -3.82
C LYS A 85 -8.96 6.85 -2.65
N GLU A 86 -9.08 6.09 -1.60
CA GLU A 86 -10.01 6.58 -0.51
C GLU A 86 -9.45 7.86 0.14
N LYS A 87 -8.17 7.91 0.31
CA LYS A 87 -7.49 9.12 0.87
C LYS A 87 -8.31 9.80 1.99
N ILE A 88 -8.63 9.14 3.08
CA ILE A 88 -9.39 9.85 4.16
C ILE A 88 -8.50 10.98 4.72
N LYS A 89 -7.25 10.70 4.73
CA LYS A 89 -6.26 11.64 5.37
C LYS A 89 -6.45 13.06 4.79
N ILE A 90 -6.88 13.20 3.57
CA ILE A 90 -7.17 14.58 3.06
C ILE A 90 -8.33 15.21 3.86
N ARG A 91 -9.15 14.37 4.45
CA ARG A 91 -10.32 14.87 5.26
C ARG A 91 -10.33 14.28 6.65
N MET A 92 -10.80 15.07 7.57
CA MET A 92 -10.92 14.60 8.98
C MET A 92 -12.33 14.91 9.50
N PRO A 93 -12.82 16.14 9.38
CA PRO A 93 -14.19 16.46 9.87
C PRO A 93 -15.25 15.63 9.14
N THR A 94 -15.00 15.34 7.89
CA THR A 94 -15.98 14.53 7.10
C THR A 94 -16.10 13.14 7.70
N LEU A 95 -15.00 12.59 8.14
CA LEU A 95 -15.02 11.23 8.77
C LEU A 95 -14.44 11.30 10.17
N PRO A 1 -6.43 -12.28 6.47
CA PRO A 1 -6.74 -13.39 5.54
C PRO A 1 -5.48 -14.17 5.12
N ALA A 2 -4.59 -13.51 4.45
CA ALA A 2 -3.32 -14.13 4.00
C ALA A 2 -2.33 -13.01 3.73
N ILE A 3 -1.05 -13.26 3.73
CA ILE A 3 -0.08 -12.16 3.47
C ILE A 3 0.56 -12.39 2.11
N GLU A 4 0.62 -11.38 1.31
CA GLU A 4 1.30 -11.48 -0.01
C GLU A 4 1.88 -10.11 -0.36
N VAL A 5 2.81 -10.09 -1.26
CA VAL A 5 3.45 -8.82 -1.67
C VAL A 5 2.82 -8.41 -3.01
N GLY A 6 2.60 -7.14 -3.23
CA GLY A 6 1.99 -6.69 -4.52
C GLY A 6 0.47 -6.49 -4.35
N ARG A 7 -0.04 -6.80 -3.19
CA ARG A 7 -1.51 -6.61 -2.92
C ARG A 7 -1.78 -5.21 -2.37
N ILE A 8 -3.05 -4.86 -2.13
CA ILE A 8 -3.35 -3.50 -1.55
C ILE A 8 -3.47 -3.69 -0.05
N CYS A 9 -2.92 -2.80 0.73
CA CYS A 9 -2.96 -2.93 2.20
C CYS A 9 -3.49 -1.64 2.82
N VAL A 10 -3.99 -1.74 4.02
CA VAL A 10 -4.44 -0.53 4.76
C VAL A 10 -3.58 -0.44 6.02
N LYS A 11 -3.03 0.69 6.36
CA LYS A 11 -2.17 0.71 7.58
C LYS A 11 -2.92 1.11 8.83
N VAL A 12 -2.97 0.25 9.82
CA VAL A 12 -3.62 0.64 11.09
C VAL A 12 -2.55 0.63 12.18
N LYS A 13 -2.47 1.69 12.91
CA LYS A 13 -1.50 1.78 14.01
C LYS A 13 -2.13 2.56 15.17
N GLY A 14 -1.45 2.68 16.28
CA GLY A 14 -2.09 3.40 17.41
C GLY A 14 -1.92 4.91 17.19
N ARG A 15 -2.92 5.66 17.56
CA ARG A 15 -2.88 7.12 17.29
C ARG A 15 -2.51 7.31 15.83
N GLU A 16 -3.52 7.30 14.96
CA GLU A 16 -3.35 7.40 13.47
C GLU A 16 -3.78 6.03 12.91
N ALA A 17 -4.25 6.01 11.69
CA ALA A 17 -4.69 4.72 11.05
C ALA A 17 -5.72 4.92 9.94
N GLY A 18 -5.31 5.22 8.73
CA GLY A 18 -6.31 5.30 7.63
C GLY A 18 -5.62 5.66 6.31
N SER A 19 -5.09 4.69 5.62
CA SER A 19 -4.52 4.97 4.27
C SER A 19 -4.39 3.65 3.51
N LYS A 20 -4.55 3.65 2.21
CA LYS A 20 -4.38 2.40 1.43
C LYS A 20 -2.97 2.36 0.86
N CYS A 21 -2.40 1.20 0.74
CA CYS A 21 -1.03 1.12 0.19
C CYS A 21 -0.87 -0.12 -0.68
N VAL A 22 0.14 -0.15 -1.48
CA VAL A 22 0.41 -1.35 -2.33
C VAL A 22 1.73 -1.93 -1.83
N ILE A 23 1.82 -3.21 -1.65
CA ILE A 23 3.09 -3.77 -1.08
C ILE A 23 4.07 -4.13 -2.21
N VAL A 24 5.32 -3.75 -2.04
CA VAL A 24 6.32 -4.18 -3.07
C VAL A 24 7.79 -4.21 -2.58
N ASP A 25 8.18 -5.22 -1.82
CA ASP A 25 9.62 -5.43 -1.45
C ASP A 25 9.72 -6.53 -0.42
N ILE A 26 10.81 -7.24 -0.41
CA ILE A 26 11.08 -8.22 0.67
C ILE A 26 12.38 -7.73 1.34
N ILE A 27 12.42 -7.60 2.64
CA ILE A 27 13.67 -7.12 3.30
C ILE A 27 14.15 -8.16 4.30
N ASP A 28 14.19 -7.80 5.56
CA ASP A 28 14.61 -8.79 6.59
C ASP A 28 13.67 -9.97 6.49
N ASP A 29 12.43 -9.65 6.18
CA ASP A 29 11.28 -10.61 6.07
C ASP A 29 10.24 -10.14 7.06
N ASN A 30 10.66 -9.46 8.10
CA ASN A 30 9.70 -8.91 9.08
C ASN A 30 9.41 -7.46 8.66
N PHE A 31 9.96 -7.07 7.54
CA PHE A 31 9.69 -5.71 6.97
C PHE A 31 9.31 -5.85 5.48
N VAL A 32 8.47 -4.98 4.98
CA VAL A 32 8.13 -5.00 3.51
C VAL A 32 8.17 -3.56 2.99
N LEU A 33 8.30 -3.31 1.69
CA LEU A 33 8.25 -1.86 1.23
C LEU A 33 6.88 -1.61 0.59
N VAL A 34 6.17 -0.57 0.98
CA VAL A 34 4.82 -0.36 0.37
C VAL A 34 4.70 1.04 -0.23
N THR A 35 3.83 1.20 -1.22
CA THR A 35 3.67 2.53 -1.87
C THR A 35 2.18 2.83 -2.19
N GLY A 36 1.85 4.10 -2.32
CA GLY A 36 0.45 4.50 -2.72
C GLY A 36 0.53 5.88 -3.37
N PRO A 37 -0.48 6.31 -4.08
CA PRO A 37 -0.42 7.64 -4.72
C PRO A 37 -0.23 8.73 -3.68
N LYS A 38 0.81 9.49 -3.83
CA LYS A 38 1.09 10.59 -2.88
C LYS A 38 -0.06 11.61 -2.84
N ASP A 39 -0.63 11.93 -3.97
CA ASP A 39 -1.70 12.96 -3.98
C ASP A 39 -2.96 12.56 -3.20
N ILE A 40 -3.44 11.34 -3.33
CA ILE A 40 -4.72 10.97 -2.65
C ILE A 40 -4.53 10.28 -1.31
N THR A 41 -4.07 9.06 -1.36
CA THR A 41 -4.02 8.24 -0.14
C THR A 41 -3.22 8.91 0.96
N GLY A 42 -2.16 9.61 0.64
CA GLY A 42 -1.36 10.27 1.72
C GLY A 42 -0.11 9.45 2.00
N VAL A 43 0.15 8.45 1.20
CA VAL A 43 1.35 7.62 1.39
C VAL A 43 2.13 7.73 0.09
N LYS A 44 3.37 7.40 0.09
CA LYS A 44 4.18 7.47 -1.15
C LYS A 44 5.06 6.26 -1.21
N ARG A 45 6.02 6.22 -0.34
CA ARG A 45 6.87 5.03 -0.25
C ARG A 45 7.26 4.86 1.21
N ARG A 46 7.01 3.73 1.79
CA ARG A 46 7.38 3.54 3.20
C ARG A 46 7.57 2.05 3.48
N ARG A 47 8.12 1.73 4.61
CA ARG A 47 8.33 0.31 4.96
C ARG A 47 7.51 0.01 6.20
N VAL A 48 6.93 -1.17 6.29
CA VAL A 48 6.10 -1.50 7.48
C VAL A 48 6.47 -2.85 8.06
N ASN A 49 6.49 -2.91 9.35
CA ASN A 49 6.82 -4.16 10.09
C ASN A 49 5.58 -5.09 10.15
N ILE A 50 5.82 -6.32 10.46
CA ILE A 50 4.72 -7.34 10.57
C ILE A 50 3.70 -6.92 11.64
N LEU A 51 4.12 -6.16 12.62
CA LEU A 51 3.20 -5.81 13.74
C LEU A 51 1.90 -5.18 13.21
N HIS A 52 1.94 -4.36 12.19
CA HIS A 52 0.65 -3.79 11.69
C HIS A 52 0.52 -4.07 10.19
N LEU A 53 -0.06 -5.19 9.86
CA LEU A 53 -0.28 -5.56 8.45
C LEU A 53 -1.80 -5.72 8.21
N GLU A 54 -2.36 -5.07 7.20
CA GLU A 54 -3.83 -5.27 6.91
C GLU A 54 -4.01 -5.46 5.40
N PRO A 55 -3.87 -6.66 4.88
CA PRO A 55 -4.01 -6.95 3.43
C PRO A 55 -5.40 -7.44 2.97
N THR A 56 -5.74 -7.16 1.74
CA THR A 56 -7.05 -7.66 1.18
C THR A 56 -6.69 -8.69 0.11
N ASP A 57 -7.59 -9.56 -0.32
CA ASP A 57 -7.15 -10.57 -1.34
C ASP A 57 -7.07 -9.95 -2.73
N LYS A 58 -5.88 -9.58 -3.09
CA LYS A 58 -5.58 -8.91 -4.39
C LYS A 58 -4.73 -9.80 -5.30
N LYS A 59 -4.16 -9.19 -6.30
CA LYS A 59 -3.26 -9.86 -7.27
C LYS A 59 -1.87 -9.84 -6.64
N ILE A 60 -0.94 -10.63 -7.10
CA ILE A 60 0.43 -10.59 -6.49
C ILE A 60 1.46 -10.24 -7.57
N ASP A 61 2.22 -9.20 -7.35
CA ASP A 61 3.27 -8.78 -8.32
C ASP A 61 4.29 -7.86 -7.65
N ILE A 62 5.50 -8.30 -7.35
CA ILE A 62 6.53 -7.39 -6.76
C ILE A 62 7.80 -7.57 -7.62
N GLN A 63 8.51 -6.55 -8.02
CA GLN A 63 9.71 -6.90 -8.86
C GLN A 63 10.68 -7.71 -8.00
N LYS A 64 11.03 -7.22 -6.81
CA LYS A 64 12.03 -7.87 -5.89
C LYS A 64 13.02 -6.77 -5.44
N GLY A 65 12.60 -5.89 -4.54
CA GLY A 65 13.52 -4.80 -4.07
C GLY A 65 13.50 -3.65 -5.09
N ALA A 66 12.45 -3.54 -5.87
CA ALA A 66 12.41 -2.47 -6.91
C ALA A 66 12.63 -1.06 -6.33
N SER A 67 13.32 -0.21 -7.08
CA SER A 67 13.59 1.19 -6.63
C SER A 67 12.29 2.00 -6.68
N ASP A 68 12.21 3.14 -6.05
CA ASP A 68 10.93 3.89 -6.08
C ASP A 68 10.50 4.11 -7.53
N GLU A 69 11.39 4.48 -8.41
CA GLU A 69 10.92 4.71 -9.79
C GLU A 69 10.35 3.41 -10.35
N GLU A 70 10.96 2.30 -10.05
CA GLU A 70 10.38 1.03 -10.52
C GLU A 70 9.05 0.80 -9.82
N VAL A 71 8.98 1.16 -8.56
CA VAL A 71 7.72 0.97 -7.79
C VAL A 71 6.59 1.79 -8.37
N LYS A 72 6.84 3.02 -8.71
CA LYS A 72 5.73 3.84 -9.25
C LYS A 72 5.19 3.17 -10.49
N LYS A 73 6.07 2.67 -11.33
CA LYS A 73 5.55 2.00 -12.55
C LYS A 73 4.66 0.85 -12.11
N LYS A 74 5.08 0.11 -11.12
CA LYS A 74 4.26 -1.02 -10.60
C LYS A 74 2.92 -0.55 -10.07
N LEU A 75 2.81 0.64 -9.52
CA LEU A 75 1.49 1.03 -8.97
C LEU A 75 0.46 0.82 -10.06
N GLU A 76 0.78 1.16 -11.24
CA GLU A 76 -0.24 0.98 -12.29
C GLU A 76 -0.63 -0.50 -12.34
N GLU A 77 0.29 -1.42 -12.09
CA GLU A 77 -0.10 -2.86 -12.09
C GLU A 77 -1.12 -3.05 -10.99
N SER A 78 -0.94 -2.29 -9.95
CA SER A 78 -1.90 -2.37 -8.81
C SER A 78 -3.22 -1.86 -9.39
N ASN A 79 -3.12 -1.03 -10.42
CA ASN A 79 -4.32 -0.46 -11.11
C ASN A 79 -5.10 0.42 -10.14
N LEU A 80 -4.40 1.20 -9.37
CA LEU A 80 -5.09 2.10 -8.40
C LEU A 80 -5.35 3.47 -9.00
N THR A 81 -5.04 3.67 -10.24
CA THR A 81 -5.23 5.01 -10.86
C THR A 81 -6.62 5.55 -10.52
N GLU A 82 -7.60 4.69 -10.40
CA GLU A 82 -8.97 5.17 -10.08
C GLU A 82 -9.81 3.96 -9.63
N TYR A 83 -9.24 2.80 -9.59
CA TYR A 83 -10.05 1.65 -9.10
C TYR A 83 -10.39 2.06 -7.66
N MET A 84 -9.37 2.56 -6.99
CA MET A 84 -9.53 3.01 -5.57
C MET A 84 -9.17 4.50 -5.44
N LYS A 85 -8.19 4.74 -4.61
CA LYS A 85 -7.71 6.12 -4.27
C LYS A 85 -8.82 6.88 -3.54
N GLU A 86 -9.51 6.19 -2.66
CA GLU A 86 -10.60 6.83 -1.88
C GLU A 86 -10.07 7.21 -0.47
N LYS A 87 -10.87 7.92 0.28
CA LYS A 87 -10.44 8.27 1.68
C LYS A 87 -11.04 7.22 2.62
N ILE A 88 -10.26 6.60 3.47
CA ILE A 88 -10.85 5.55 4.35
C ILE A 88 -11.83 6.10 5.39
N LYS A 89 -11.60 7.24 6.03
CA LYS A 89 -12.59 7.71 7.04
C LYS A 89 -12.96 9.16 6.74
N ILE A 90 -14.22 9.52 6.87
CA ILE A 90 -14.63 10.93 6.64
C ILE A 90 -15.38 11.43 7.87
N ARG A 91 -15.10 12.61 8.37
CA ARG A 91 -15.84 13.13 9.56
C ARG A 91 -16.40 14.51 9.24
N MET A 92 -17.53 14.84 9.79
CA MET A 92 -18.12 16.16 9.48
C MET A 92 -17.10 17.27 9.79
N PRO A 93 -16.56 17.37 11.00
CA PRO A 93 -15.54 18.43 11.29
C PRO A 93 -14.30 18.30 10.40
N THR A 94 -13.84 17.10 10.16
CA THR A 94 -12.65 16.93 9.28
C THR A 94 -13.03 17.38 7.88
N LEU A 95 -14.22 17.06 7.47
CA LEU A 95 -14.69 17.46 6.10
C LEU A 95 -16.16 17.83 6.17
N PRO A 1 -5.12 -16.42 1.81
CA PRO A 1 -4.04 -15.50 2.28
C PRO A 1 -3.08 -16.17 3.27
N ALA A 2 -1.84 -15.80 3.23
CA ALA A 2 -0.85 -16.42 4.17
C ALA A 2 0.48 -15.67 4.07
N ILE A 3 0.89 -15.31 2.88
CA ILE A 3 2.14 -14.53 2.68
C ILE A 3 1.72 -13.22 2.00
N GLU A 4 2.28 -12.08 2.36
CA GLU A 4 1.85 -10.83 1.67
C GLU A 4 2.94 -10.41 0.67
N VAL A 5 2.55 -9.81 -0.43
CA VAL A 5 3.55 -9.37 -1.46
C VAL A 5 2.78 -8.94 -2.71
N GLY A 6 2.94 -7.73 -3.19
CA GLY A 6 2.21 -7.33 -4.44
C GLY A 6 0.73 -7.18 -4.15
N ARG A 7 0.39 -6.91 -2.92
CA ARG A 7 -1.05 -6.81 -2.54
C ARG A 7 -1.36 -5.40 -2.01
N ILE A 8 -2.63 -5.05 -1.91
CA ILE A 8 -2.98 -3.70 -1.38
C ILE A 8 -3.25 -3.78 0.10
N CYS A 9 -2.76 -2.82 0.82
CA CYS A 9 -2.85 -2.79 2.29
C CYS A 9 -3.64 -1.61 2.78
N VAL A 10 -4.16 -1.74 3.95
CA VAL A 10 -4.92 -0.64 4.61
C VAL A 10 -4.21 -0.38 5.93
N LYS A 11 -3.95 0.83 6.34
CA LYS A 11 -3.22 0.99 7.62
C LYS A 11 -4.17 1.15 8.80
N VAL A 12 -3.98 0.39 9.86
CA VAL A 12 -4.88 0.59 11.03
C VAL A 12 -4.07 0.96 12.27
N LYS A 13 -4.36 2.10 12.80
CA LYS A 13 -3.73 2.60 14.06
C LYS A 13 -4.79 3.41 14.79
N GLY A 14 -4.77 3.53 16.08
CA GLY A 14 -5.82 4.40 16.68
C GLY A 14 -5.27 5.82 16.62
N ARG A 15 -6.04 6.81 16.97
CA ARG A 15 -5.56 8.23 16.84
C ARG A 15 -4.68 8.32 15.58
N GLU A 16 -5.28 8.62 14.45
CA GLU A 16 -4.55 8.67 13.13
C GLU A 16 -4.63 7.27 12.52
N ALA A 17 -4.98 7.21 11.25
CA ALA A 17 -5.07 5.89 10.55
C ALA A 17 -6.05 5.97 9.39
N GLY A 18 -5.59 5.99 8.19
CA GLY A 18 -6.53 5.92 7.06
C GLY A 18 -5.77 6.02 5.73
N SER A 19 -5.17 4.97 5.25
CA SER A 19 -4.50 5.09 3.92
C SER A 19 -4.38 3.71 3.27
N LYS A 20 -4.56 3.58 1.96
CA LYS A 20 -4.38 2.24 1.32
C LYS A 20 -2.93 2.15 0.83
N CYS A 21 -2.36 0.98 0.83
CA CYS A 21 -0.92 0.87 0.43
C CYS A 21 -0.65 -0.32 -0.49
N VAL A 22 0.23 -0.16 -1.44
CA VAL A 22 0.59 -1.28 -2.35
C VAL A 22 1.98 -1.75 -1.89
N ILE A 23 2.19 -3.04 -1.83
CA ILE A 23 3.50 -3.54 -1.31
C ILE A 23 4.45 -3.93 -2.43
N VAL A 24 5.68 -3.48 -2.36
CA VAL A 24 6.67 -3.89 -3.39
C VAL A 24 8.07 -4.05 -2.75
N ASP A 25 8.27 -5.09 -1.97
CA ASP A 25 9.63 -5.40 -1.42
C ASP A 25 9.51 -6.45 -0.32
N ILE A 26 10.48 -7.32 -0.22
CA ILE A 26 10.52 -8.23 0.96
C ILE A 26 11.90 -7.99 1.57
N ILE A 27 11.98 -7.65 2.83
CA ILE A 27 13.32 -7.37 3.43
C ILE A 27 13.85 -8.57 4.24
N ASP A 28 13.45 -8.65 5.48
CA ASP A 28 13.89 -9.77 6.36
C ASP A 28 12.75 -10.76 6.52
N ASP A 29 11.73 -10.56 5.76
CA ASP A 29 10.49 -11.42 5.78
C ASP A 29 9.48 -10.86 6.80
N ASN A 30 9.93 -10.17 7.83
CA ASN A 30 8.94 -9.59 8.79
C ASN A 30 8.79 -8.09 8.54
N PHE A 31 9.57 -7.55 7.62
CA PHE A 31 9.42 -6.12 7.23
C PHE A 31 9.04 -6.06 5.75
N VAL A 32 8.16 -5.18 5.36
CA VAL A 32 7.79 -5.07 3.92
C VAL A 32 7.86 -3.60 3.49
N LEU A 33 7.99 -3.35 2.21
CA LEU A 33 8.00 -1.90 1.76
C LEU A 33 6.66 -1.58 1.14
N VAL A 34 6.07 -0.45 1.45
CA VAL A 34 4.75 -0.11 0.84
C VAL A 34 4.82 1.26 0.18
N THR A 35 4.06 1.43 -0.88
CA THR A 35 4.05 2.73 -1.58
C THR A 35 2.64 3.08 -2.08
N GLY A 36 2.37 4.34 -2.22
CA GLY A 36 1.06 4.79 -2.77
C GLY A 36 1.26 6.18 -3.35
N PRO A 37 0.43 6.67 -4.23
CA PRO A 37 0.66 8.03 -4.75
C PRO A 37 0.61 9.04 -3.61
N LYS A 38 1.66 9.78 -3.41
CA LYS A 38 1.63 10.80 -2.33
C LYS A 38 0.48 11.77 -2.60
N ASP A 39 0.27 12.05 -3.85
CA ASP A 39 -0.81 13.00 -4.25
C ASP A 39 -2.20 12.50 -3.85
N ILE A 40 -2.47 11.22 -3.97
CA ILE A 40 -3.84 10.73 -3.63
C ILE A 40 -3.91 10.19 -2.20
N THR A 41 -3.49 8.97 -2.00
CA THR A 41 -3.56 8.34 -0.63
C THR A 41 -2.70 9.11 0.36
N GLY A 42 -1.58 9.59 -0.07
CA GLY A 42 -0.68 10.33 0.84
C GLY A 42 0.48 9.47 1.34
N VAL A 43 0.51 8.17 1.07
CA VAL A 43 1.68 7.40 1.52
C VAL A 43 2.67 7.42 0.36
N LYS A 44 3.91 7.74 0.59
CA LYS A 44 4.87 7.77 -0.56
C LYS A 44 5.55 6.42 -0.68
N ARG A 45 6.48 6.17 0.20
CA ARG A 45 7.19 4.88 0.22
C ARG A 45 7.56 4.65 1.67
N ARG A 46 7.23 3.55 2.28
CA ARG A 46 7.65 3.39 3.69
C ARG A 46 7.72 1.90 4.08
N ARG A 47 8.34 1.60 5.19
CA ARG A 47 8.49 0.17 5.62
C ARG A 47 7.56 -0.16 6.81
N VAL A 48 6.88 -1.30 6.79
CA VAL A 48 6.00 -1.71 7.94
C VAL A 48 6.38 -3.10 8.46
N ASN A 49 6.43 -3.26 9.76
CA ASN A 49 6.75 -4.59 10.37
C ASN A 49 5.46 -5.44 10.46
N ILE A 50 5.59 -6.71 10.73
CA ILE A 50 4.37 -7.60 10.86
C ILE A 50 3.40 -7.08 11.91
N LEU A 51 3.85 -6.35 12.90
CA LEU A 51 2.91 -5.87 13.96
C LEU A 51 1.77 -5.06 13.33
N HIS A 52 2.04 -4.31 12.29
CA HIS A 52 0.93 -3.57 11.63
C HIS A 52 0.76 -4.09 10.21
N LEU A 53 -0.02 -5.13 10.03
CA LEU A 53 -0.24 -5.67 8.66
C LEU A 53 -1.75 -5.72 8.39
N GLU A 54 -2.21 -5.17 7.30
CA GLU A 54 -3.67 -5.26 6.96
C GLU A 54 -3.78 -5.62 5.48
N PRO A 55 -3.79 -6.88 5.13
CA PRO A 55 -3.83 -7.31 3.71
C PRO A 55 -5.24 -7.51 3.14
N THR A 56 -5.38 -7.24 1.88
CA THR A 56 -6.70 -7.42 1.18
C THR A 56 -6.53 -8.48 0.10
N ASP A 57 -7.59 -9.02 -0.43
CA ASP A 57 -7.39 -10.05 -1.48
C ASP A 57 -6.81 -9.34 -2.68
N LYS A 58 -5.83 -9.92 -3.29
CA LYS A 58 -5.18 -9.26 -4.44
C LYS A 58 -4.18 -10.22 -5.12
N LYS A 59 -3.49 -9.72 -6.10
CA LYS A 59 -2.49 -10.52 -6.85
C LYS A 59 -1.17 -10.43 -6.11
N ILE A 60 -0.25 -11.31 -6.40
CA ILE A 60 1.07 -11.21 -5.74
C ILE A 60 2.22 -11.29 -6.76
N ASP A 61 2.57 -10.16 -7.29
CA ASP A 61 3.67 -10.13 -8.29
C ASP A 61 4.44 -8.79 -8.32
N ILE A 62 5.53 -8.70 -7.58
CA ILE A 62 6.36 -7.45 -7.56
C ILE A 62 7.80 -7.76 -7.98
N GLN A 63 8.51 -6.80 -8.53
CA GLN A 63 9.90 -7.13 -8.95
C GLN A 63 10.72 -7.50 -7.71
N LYS A 64 10.57 -6.77 -6.60
CA LYS A 64 11.35 -7.04 -5.32
C LYS A 64 12.55 -6.09 -5.23
N GLY A 65 12.39 -4.93 -4.63
CA GLY A 65 13.55 -3.99 -4.49
C GLY A 65 13.60 -2.97 -5.64
N ALA A 66 12.58 -2.92 -6.47
CA ALA A 66 12.58 -1.96 -7.62
C ALA A 66 12.84 -0.51 -7.18
N SER A 67 13.48 0.27 -8.03
CA SER A 67 13.78 1.72 -7.71
C SER A 67 12.44 2.46 -7.62
N ASP A 68 12.38 3.66 -7.10
CA ASP A 68 11.05 4.29 -7.01
C ASP A 68 10.41 4.45 -8.38
N GLU A 69 11.11 4.90 -9.40
CA GLU A 69 10.41 5.05 -10.70
C GLU A 69 9.97 3.68 -11.18
N GLU A 70 10.80 2.70 -10.97
CA GLU A 70 10.40 1.34 -11.37
C GLU A 70 9.23 0.91 -10.50
N VAL A 71 9.25 1.29 -9.25
CA VAL A 71 8.13 0.94 -8.34
C VAL A 71 6.83 1.61 -8.78
N LYS A 72 6.91 2.86 -9.16
CA LYS A 72 5.65 3.55 -9.58
C LYS A 72 5.04 2.82 -10.77
N LYS A 73 5.83 2.40 -11.72
CA LYS A 73 5.22 1.70 -12.87
C LYS A 73 4.49 0.47 -12.31
N LYS A 74 5.11 -0.19 -11.38
CA LYS A 74 4.46 -1.36 -10.72
C LYS A 74 3.20 -0.93 -9.98
N LEU A 75 3.21 0.25 -9.40
CA LEU A 75 2.01 0.68 -8.63
C LEU A 75 0.79 0.62 -9.53
N GLU A 76 0.94 1.04 -10.75
CA GLU A 76 -0.22 1.05 -11.68
C GLU A 76 -0.75 -0.38 -11.82
N GLU A 77 0.10 -1.35 -11.68
CA GLU A 77 -0.38 -2.75 -11.80
C GLU A 77 -1.54 -2.93 -10.81
N SER A 78 -1.48 -2.28 -9.68
CA SER A 78 -2.57 -2.39 -8.67
C SER A 78 -3.87 -1.77 -9.24
N ASN A 79 -3.78 -0.95 -10.28
CA ASN A 79 -4.99 -0.29 -10.90
C ASN A 79 -5.59 0.78 -9.99
N LEU A 80 -4.73 1.65 -9.56
CA LEU A 80 -5.11 2.78 -8.66
C LEU A 80 -6.06 3.75 -9.34
N THR A 81 -6.02 3.87 -10.62
CA THR A 81 -6.87 4.90 -11.29
C THR A 81 -8.29 4.88 -10.73
N GLU A 82 -8.84 3.76 -10.38
CA GLU A 82 -10.23 3.78 -9.84
C GLU A 82 -10.47 2.58 -8.91
N TYR A 83 -9.66 1.56 -8.99
CA TYR A 83 -9.87 0.41 -8.06
C TYR A 83 -9.67 0.93 -6.64
N MET A 84 -8.68 1.76 -6.48
CA MET A 84 -8.33 2.31 -5.14
C MET A 84 -8.82 3.75 -5.00
N LYS A 85 -7.89 4.64 -4.71
CA LYS A 85 -8.22 6.09 -4.56
C LYS A 85 -9.51 6.28 -3.75
N GLU A 86 -9.96 5.28 -3.05
CA GLU A 86 -11.19 5.47 -2.25
C GLU A 86 -10.90 6.48 -1.14
N LYS A 87 -9.70 6.41 -0.62
CA LYS A 87 -9.31 7.25 0.57
C LYS A 87 -10.05 6.61 1.74
N ILE A 88 -9.35 6.24 2.78
CA ILE A 88 -10.05 5.51 3.88
C ILE A 88 -11.15 6.36 4.50
N LYS A 89 -10.96 7.63 4.79
CA LYS A 89 -12.09 8.42 5.38
C LYS A 89 -12.23 9.72 4.59
N ILE A 90 -13.43 10.11 4.26
CA ILE A 90 -13.63 11.41 3.54
C ILE A 90 -14.54 12.30 4.39
N ARG A 91 -14.18 13.52 4.70
CA ARG A 91 -15.14 14.31 5.53
C ARG A 91 -16.37 14.51 4.64
N MET A 92 -16.10 14.78 3.39
CA MET A 92 -17.17 15.00 2.35
C MET A 92 -16.48 15.39 1.04
N PRO A 93 -15.50 16.28 1.11
CA PRO A 93 -14.71 16.75 -0.07
C PRO A 93 -13.87 15.62 -0.67
N THR A 94 -13.14 15.90 -1.70
CA THR A 94 -12.31 14.84 -2.32
C THR A 94 -11.13 14.51 -1.41
N LEU A 95 -10.90 15.29 -0.38
CA LEU A 95 -9.74 15.01 0.53
C LEU A 95 -10.14 15.37 1.97
#